data_6YE1
#
_entry.id   6YE1
#
_cell.length_a   93.030
_cell.length_b   232.120
_cell.length_c   53.790
_cell.angle_alpha   90.000
_cell.angle_beta   90.000
_cell.angle_gamma   90.000
#
_symmetry.space_group_name_H-M   'P 21 21 2'
#
loop_
_entity.id
_entity.type
_entity.pdbx_description
1 polymer "5'-nucleotidase"
2 non-polymer 'ZINC ION'
3 non-polymer '[(2~{R},3~{S},4~{R},5~{R})-5-[2-chloranyl-6-(cyclopentylamino)purin-9-yl]-3,4-bis(oxidanyl)oxolan-2-yl]methoxymethylphosphonic acid'
4 water water
#
_entity_poly.entity_id   1
_entity_poly.type   'polypeptide(L)'
_entity_poly.pdbx_seq_one_letter_code
;MWELTILHTNDVHSRLEQTSEDSSKCVDASRCMGGVARLFTKVQQIRRAEPNVLLLDAGDQYQGTIWFTVYKGAEVAHFM
NALRYDAMALGNHEFDNGVEGLIEPLLKEAKFPILSANIKAKGPLASQISGLYLPYKVLPVGDEVVGIVGYTSKETPFLS
NPGTNLVFEDEITALQPEVDKLKTLNVNKIIALGHSGFEMDKLIAQKVRGVDVVVGGHSNTFLYTGNPPSKEVPAGKYPF
IVTSDDGRKVPVVQAYAFGKYLGYLKIEFDERGNVISSHGNPILLDSSIPEDPSIKADINKWRIKLDDYSTQELGKTIVY
LDGSSQSCRFRECNMGNLICDAMINNNLRHADEMFWNHVSMCILNGGGIRSPIDERNDGTITWENLAAVLPFGGTFDLVQ
LKGSTLKKAFEHSVHRYGQSTGEFLQVGGIHVVYDLSRKPGDRVVKLDVLCTKCRVPSYDPLKMDEVYKVILPNFLANGG
DGFQMIKDELLRHDSGDQDINVVSTYISKMKVIYPAVEGRIKFSLEHHHHHH
;
_entity_poly.pdbx_strand_id   A,B
#
loop_
_chem_comp.id
_chem_comp.type
_chem_comp.name
_chem_comp.formula
OO2 non-polymer '[(2~{R},3~{S},4~{R},5~{R})-5-[2-chloranyl-6-(cyclopentylamino)purin-9-yl]-3,4-bis(oxidanyl)oxolan-2-yl]methoxymethylphosphonic acid' 'C16 H23 Cl N5 O7 P'
ZN non-polymer 'ZINC ION' 'Zn 2'
#
# COMPACT_ATOMS: atom_id res chain seq x y z
N MET A 1 -41.27 30.02 -13.80
CA MET A 1 -40.33 29.63 -12.76
C MET A 1 -39.86 28.18 -13.05
N TRP A 2 -38.70 28.07 -13.77
CA TRP A 2 -37.95 26.85 -14.15
C TRP A 2 -36.63 26.82 -13.35
N GLU A 3 -36.50 25.81 -12.45
CA GLU A 3 -35.36 25.64 -11.54
C GLU A 3 -34.24 24.79 -12.09
N LEU A 4 -33.00 25.31 -11.97
CA LEU A 4 -31.75 24.64 -12.36
C LEU A 4 -30.85 24.43 -11.16
N THR A 5 -30.40 23.17 -10.98
CA THR A 5 -29.46 22.85 -9.92
C THR A 5 -28.13 22.63 -10.63
N ILE A 6 -27.15 23.51 -10.33
CA ILE A 6 -25.78 23.42 -10.82
C ILE A 6 -24.92 22.81 -9.72
N LEU A 7 -24.33 21.64 -10.02
CA LEU A 7 -23.38 20.94 -9.15
C LEU A 7 -22.01 21.10 -9.86
N HIS A 8 -20.96 21.48 -9.12
CA HIS A 8 -19.67 21.75 -9.74
C HIS A 8 -18.45 21.51 -8.86
N THR A 9 -17.37 21.04 -9.51
CA THR A 9 -16.06 20.80 -8.92
C THR A 9 -15.01 21.61 -9.74
N ASN A 10 -13.89 22.02 -9.12
CA ASN A 10 -12.84 22.74 -9.82
C ASN A 10 -11.53 22.52 -9.16
N ASP A 11 -10.51 22.15 -9.95
CA ASP A 11 -9.15 21.89 -9.49
C ASP A 11 -9.11 20.65 -8.57
N VAL A 12 -9.77 19.54 -9.00
CA VAL A 12 -9.79 18.25 -8.30
C VAL A 12 -8.34 17.77 -8.11
N HIS A 13 -7.48 18.04 -9.11
CA HIS A 13 -6.03 17.80 -9.14
C HIS A 13 -5.63 16.39 -8.68
N SER A 14 -6.11 15.37 -9.41
CA SER A 14 -5.87 13.93 -9.24
C SER A 14 -6.28 13.35 -7.88
N ARG A 15 -7.17 14.05 -7.13
CA ARG A 15 -7.65 13.61 -5.82
C ARG A 15 -8.82 12.58 -5.92
N LEU A 16 -8.54 11.43 -6.57
CA LEU A 16 -9.49 10.35 -6.84
C LEU A 16 -9.97 9.63 -5.60
N GLU A 17 -9.04 9.30 -4.71
CA GLU A 17 -9.31 8.63 -3.45
C GLU A 17 -9.66 9.68 -2.42
N GLN A 18 -10.28 9.25 -1.28
CA GLN A 18 -10.58 10.17 -0.19
C GLN A 18 -9.27 10.70 0.40
N THR A 19 -9.28 11.94 0.90
CA THR A 19 -8.07 12.58 1.42
C THR A 19 -8.18 13.02 2.91
N SER A 20 -7.12 13.64 3.45
CA SER A 20 -7.10 14.26 4.76
C SER A 20 -7.79 15.63 4.52
N GLU A 21 -8.10 16.40 5.57
CA GLU A 21 -8.78 17.65 5.30
C GLU A 21 -7.84 18.74 4.76
N ASP A 22 -6.51 18.49 4.71
CA ASP A 22 -5.51 19.40 4.11
C ASP A 22 -5.25 18.97 2.63
N SER A 23 -6.05 17.96 2.18
CA SER A 23 -6.08 17.33 0.87
C SER A 23 -4.88 16.39 0.61
N SER A 24 -4.10 16.06 1.67
CA SER A 24 -3.00 15.10 1.57
C SER A 24 -3.55 13.67 1.76
N LYS A 25 -2.73 12.64 1.51
CA LYS A 25 -3.06 11.23 1.66
C LYS A 25 -3.85 10.93 2.90
N CYS A 26 -4.84 10.08 2.74
CA CYS A 26 -5.74 9.63 3.79
C CYS A 26 -5.03 8.61 4.68
N VAL A 27 -5.08 8.81 6.00
CA VAL A 27 -4.51 7.87 6.97
C VAL A 27 -5.70 7.24 7.69
N ASP A 28 -6.36 8.03 8.56
CA ASP A 28 -7.52 7.60 9.32
C ASP A 28 -8.74 7.74 8.45
N ALA A 29 -9.06 6.67 7.67
CA ALA A 29 -10.20 6.57 6.73
C ALA A 29 -11.52 7.14 7.24
N SER A 30 -11.84 6.91 8.53
CA SER A 30 -13.06 7.39 9.19
C SER A 30 -13.16 8.91 9.32
N ARG A 31 -12.01 9.63 9.28
CA ARG A 31 -11.95 11.09 9.40
C ARG A 31 -11.45 11.75 8.10
N CYS A 32 -11.60 11.01 6.99
CA CYS A 32 -11.19 11.42 5.66
C CYS A 32 -12.32 12.04 4.87
N MET A 33 -11.96 12.99 3.99
CA MET A 33 -12.88 13.78 3.17
C MET A 33 -12.70 13.57 1.67
N GLY A 34 -13.73 13.97 0.91
CA GLY A 34 -13.75 13.96 -0.55
C GLY A 34 -13.60 12.63 -1.25
N GLY A 35 -13.11 12.73 -2.49
CA GLY A 35 -12.92 11.59 -3.36
C GLY A 35 -14.06 11.46 -4.36
N VAL A 36 -13.90 10.57 -5.37
CA VAL A 36 -14.92 10.40 -6.42
C VAL A 36 -16.09 9.53 -5.97
N ALA A 37 -15.86 8.50 -5.14
CA ALA A 37 -16.94 7.62 -4.66
C ALA A 37 -17.88 8.29 -3.64
N ARG A 38 -17.39 9.30 -2.90
CA ARG A 38 -18.20 10.07 -1.96
C ARG A 38 -18.96 11.06 -2.80
N LEU A 39 -18.29 11.66 -3.82
CA LEU A 39 -18.93 12.60 -4.76
C LEU A 39 -20.13 11.96 -5.46
N PHE A 40 -19.95 10.71 -5.93
CA PHE A 40 -20.99 9.98 -6.63
C PHE A 40 -22.23 9.79 -5.77
N THR A 41 -22.05 9.47 -4.46
CA THR A 41 -23.17 9.31 -3.54
C THR A 41 -24.01 10.60 -3.44
N LYS A 42 -23.40 11.76 -3.06
CA LYS A 42 -24.12 13.05 -2.95
C LYS A 42 -24.71 13.49 -4.30
N VAL A 43 -23.96 13.36 -5.40
CA VAL A 43 -24.48 13.71 -6.74
C VAL A 43 -25.79 12.93 -7.03
N GLN A 44 -25.76 11.58 -6.83
CA GLN A 44 -26.89 10.67 -7.04
CA GLN A 44 -26.92 10.74 -7.09
C GLN A 44 -28.08 11.06 -6.14
N GLN A 45 -27.78 11.42 -4.89
CA GLN A 45 -28.72 11.83 -3.85
C GLN A 45 -29.39 13.17 -4.23
N ILE A 46 -28.67 14.07 -4.93
CA ILE A 46 -29.22 15.33 -5.43
C ILE A 46 -30.08 15.06 -6.67
N ARG A 47 -29.55 14.31 -7.67
CA ARG A 47 -30.26 13.94 -8.90
C ARG A 47 -31.65 13.31 -8.65
N ARG A 48 -31.81 12.55 -7.54
CA ARG A 48 -33.10 11.95 -7.14
C ARG A 48 -34.07 13.07 -6.74
N ALA A 49 -33.69 13.84 -5.71
CA ALA A 49 -34.44 14.95 -5.13
C ALA A 49 -34.71 16.16 -6.04
N GLU A 50 -33.85 16.41 -7.04
CA GLU A 50 -33.97 17.57 -7.93
C GLU A 50 -34.22 17.17 -9.41
N PRO A 51 -35.17 17.83 -10.11
CA PRO A 51 -35.43 17.47 -11.51
C PRO A 51 -34.39 17.90 -12.55
N ASN A 52 -33.89 19.16 -12.48
CA ASN A 52 -32.98 19.70 -13.50
C ASN A 52 -31.57 19.93 -12.96
N VAL A 53 -30.78 18.85 -12.97
CA VAL A 53 -29.42 18.82 -12.47
C VAL A 53 -28.39 18.75 -13.58
N LEU A 54 -27.33 19.58 -13.43
CA LEU A 54 -26.10 19.65 -14.22
C LEU A 54 -24.90 19.43 -13.29
N LEU A 55 -23.95 18.60 -13.72
CA LEU A 55 -22.69 18.31 -13.03
C LEU A 55 -21.59 18.85 -13.95
N LEU A 56 -20.81 19.82 -13.47
CA LEU A 56 -19.77 20.49 -14.26
C LEU A 56 -18.40 20.48 -13.62
N ASP A 57 -17.37 20.61 -14.44
CA ASP A 57 -16.01 20.72 -13.92
C ASP A 57 -15.33 21.94 -14.56
N ALA A 58 -14.74 22.84 -13.75
CA ALA A 58 -14.13 24.02 -14.34
C ALA A 58 -12.66 23.85 -14.61
N GLY A 59 -12.23 22.62 -14.89
CA GLY A 59 -10.85 22.30 -15.25
C GLY A 59 -9.88 22.08 -14.11
N ASP A 60 -8.71 21.51 -14.46
CA ASP A 60 -7.60 21.12 -13.58
C ASP A 60 -7.90 19.80 -12.84
N GLN A 61 -8.33 18.80 -13.61
CA GLN A 61 -8.51 17.47 -13.07
C GLN A 61 -7.14 16.77 -13.18
N TYR A 62 -6.36 17.21 -14.16
CA TYR A 62 -5.00 16.77 -14.44
C TYR A 62 -4.03 17.31 -13.36
N GLN A 63 -2.97 16.52 -13.08
CA GLN A 63 -1.83 16.81 -12.19
C GLN A 63 -2.16 16.91 -10.69
N GLY A 64 -1.30 16.28 -9.87
CA GLY A 64 -1.46 16.34 -8.42
C GLY A 64 -1.01 15.17 -7.59
N THR A 65 -1.44 13.95 -7.96
CA THR A 65 -1.15 12.73 -7.19
C THR A 65 -0.53 11.64 -8.09
N ILE A 66 -0.17 10.47 -7.48
CA ILE A 66 0.40 9.31 -8.19
C ILE A 66 -0.60 8.73 -9.23
N TRP A 67 -1.88 9.09 -9.11
CA TRP A 67 -2.98 8.72 -10.00
C TRP A 67 -2.72 9.24 -11.42
N PHE A 68 -2.39 10.54 -11.55
CA PHE A 68 -2.06 11.18 -12.83
C PHE A 68 -0.65 10.81 -13.31
N THR A 69 0.31 10.63 -12.38
CA THR A 69 1.69 10.24 -12.67
C THR A 69 1.68 8.94 -13.48
N VAL A 70 0.87 7.96 -13.05
CA VAL A 70 0.74 6.64 -13.67
C VAL A 70 -0.29 6.60 -14.82
N TYR A 71 -1.55 6.93 -14.53
CA TYR A 71 -2.63 6.81 -15.51
C TYR A 71 -2.64 7.95 -16.52
N LYS A 72 -1.92 9.04 -16.25
CA LYS A 72 -1.73 10.14 -17.21
C LYS A 72 -3.01 10.72 -17.85
N GLY A 73 -4.11 10.76 -17.12
CA GLY A 73 -5.36 11.32 -17.64
C GLY A 73 -6.49 10.32 -17.85
N ALA A 74 -6.11 9.03 -18.09
CA ALA A 74 -7.03 7.90 -18.29
C ALA A 74 -7.98 7.75 -17.12
N GLU A 75 -7.47 8.03 -15.90
CA GLU A 75 -8.23 7.99 -14.65
C GLU A 75 -9.26 9.12 -14.60
N VAL A 76 -8.94 10.30 -15.19
CA VAL A 76 -9.86 11.44 -15.25
C VAL A 76 -11.03 11.02 -16.14
N ALA A 77 -10.73 10.58 -17.37
CA ALA A 77 -11.69 10.14 -18.39
C ALA A 77 -12.58 9.00 -17.89
N HIS A 78 -11.99 7.96 -17.31
CA HIS A 78 -12.75 6.84 -16.76
C HIS A 78 -13.72 7.21 -15.61
N PHE A 79 -13.22 7.91 -14.60
CA PHE A 79 -14.03 8.24 -13.45
C PHE A 79 -15.00 9.40 -13.68
N MET A 80 -14.66 10.40 -14.55
CA MET A 80 -15.63 11.49 -14.84
C MET A 80 -16.82 10.97 -15.63
N ASN A 81 -16.58 9.94 -16.45
CA ASN A 81 -17.59 9.23 -17.22
C ASN A 81 -18.50 8.42 -16.28
N ALA A 82 -17.91 7.78 -15.25
CA ALA A 82 -18.71 7.00 -14.28
C ALA A 82 -19.65 7.93 -13.52
N LEU A 83 -19.14 9.09 -13.07
CA LEU A 83 -19.91 10.10 -12.36
C LEU A 83 -20.91 10.83 -13.28
N ARG A 84 -20.75 10.64 -14.60
CA ARG A 84 -21.62 11.17 -15.68
C ARG A 84 -21.73 12.71 -15.68
N TYR A 85 -20.58 13.38 -15.64
CA TYR A 85 -20.45 14.83 -15.76
C TYR A 85 -21.10 15.30 -17.07
N ASP A 86 -21.83 16.41 -17.02
CA ASP A 86 -22.51 16.95 -18.19
C ASP A 86 -21.52 17.74 -19.04
N ALA A 87 -20.65 18.57 -18.42
CA ALA A 87 -19.60 19.28 -19.18
C ALA A 87 -18.35 19.52 -18.37
N MET A 88 -17.27 19.93 -19.02
CA MET A 88 -16.02 20.26 -18.33
C MET A 88 -15.27 21.29 -19.14
N ALA A 89 -14.92 22.40 -18.53
CA ALA A 89 -14.10 23.41 -19.22
C ALA A 89 -12.65 23.00 -19.07
N LEU A 90 -11.80 23.47 -20.00
CA LEU A 90 -10.39 23.15 -19.99
C LEU A 90 -9.63 24.03 -19.03
N GLY A 91 -8.79 23.38 -18.24
CA GLY A 91 -7.90 24.01 -17.27
C GLY A 91 -6.51 23.99 -17.86
N ASN A 92 -5.60 24.79 -17.26
CA ASN A 92 -4.22 24.92 -17.71
C ASN A 92 -3.43 23.62 -17.61
N HIS A 93 -3.70 22.83 -16.55
CA HIS A 93 -3.01 21.57 -16.29
C HIS A 93 -3.37 20.45 -17.27
N GLU A 94 -4.47 20.58 -18.03
CA GLU A 94 -4.81 19.55 -19.00
C GLU A 94 -3.81 19.49 -20.15
N PHE A 95 -2.92 20.51 -20.23
CA PHE A 95 -1.86 20.65 -21.24
C PHE A 95 -0.48 20.30 -20.71
N ASP A 96 -0.38 19.95 -19.42
CA ASP A 96 0.89 19.61 -18.74
C ASP A 96 1.67 18.52 -19.44
N ASN A 97 0.96 17.53 -20.01
CA ASN A 97 1.58 16.43 -20.73
C ASN A 97 1.53 16.62 -22.27
N GLY A 98 1.39 17.88 -22.69
CA GLY A 98 1.31 18.26 -24.10
C GLY A 98 -0.07 18.05 -24.69
N VAL A 99 -0.25 18.39 -25.98
CA VAL A 99 -1.57 18.22 -26.61
C VAL A 99 -1.87 16.75 -26.85
N GLU A 100 -0.82 15.92 -27.10
CA GLU A 100 -1.00 14.48 -27.29
C GLU A 100 -1.39 13.85 -25.94
N GLY A 101 -0.90 14.46 -24.86
CA GLY A 101 -1.21 14.08 -23.48
C GLY A 101 -2.59 14.51 -23.04
N LEU A 102 -3.34 15.22 -23.92
CA LEU A 102 -4.71 15.69 -23.71
C LEU A 102 -5.67 15.00 -24.69
N ILE A 103 -5.23 14.86 -25.93
CA ILE A 103 -6.02 14.27 -27.01
C ILE A 103 -6.24 12.79 -26.76
N GLU A 104 -5.16 11.99 -26.70
CA GLU A 104 -5.22 10.55 -26.50
C GLU A 104 -5.90 10.12 -25.17
N PRO A 105 -5.49 10.60 -23.97
CA PRO A 105 -6.17 10.15 -22.76
C PRO A 105 -7.56 10.76 -22.53
N LEU A 106 -7.69 12.09 -22.54
CA LEU A 106 -8.95 12.72 -22.18
C LEU A 106 -9.94 12.97 -23.34
N LEU A 107 -9.60 13.88 -24.28
CA LEU A 107 -10.49 14.28 -25.37
C LEU A 107 -11.16 13.13 -26.14
N LYS A 108 -10.40 12.09 -26.51
CA LYS A 108 -10.97 10.93 -27.22
C LYS A 108 -11.87 10.08 -26.29
N GLU A 109 -11.44 9.91 -25.02
CA GLU A 109 -12.16 9.02 -24.11
C GLU A 109 -13.40 9.61 -23.44
N ALA A 110 -13.37 10.90 -23.08
CA ALA A 110 -14.49 11.59 -22.42
C ALA A 110 -15.78 11.57 -23.22
N LYS A 111 -16.77 10.83 -22.66
CA LYS A 111 -18.12 10.60 -23.16
C LYS A 111 -19.04 11.82 -22.90
N PHE A 112 -18.44 12.98 -22.60
CA PHE A 112 -19.12 14.23 -22.33
C PHE A 112 -18.36 15.38 -23.02
N PRO A 113 -19.03 16.52 -23.34
CA PRO A 113 -18.32 17.65 -23.97
C PRO A 113 -17.23 18.29 -23.10
N ILE A 114 -16.09 18.62 -23.72
CA ILE A 114 -14.97 19.31 -23.09
C ILE A 114 -14.90 20.67 -23.79
N LEU A 115 -14.83 21.78 -23.03
CA LEU A 115 -14.96 23.11 -23.63
C LEU A 115 -13.89 24.17 -23.33
N SER A 116 -13.73 25.12 -24.30
CA SER A 116 -12.87 26.31 -24.24
C SER A 116 -13.11 27.19 -25.44
N ALA A 117 -13.78 28.34 -25.22
CA ALA A 117 -14.07 29.29 -26.30
C ALA A 117 -12.91 30.22 -26.68
N ASN A 118 -11.85 30.35 -25.85
CA ASN A 118 -10.75 31.24 -26.20
C ASN A 118 -9.50 30.49 -26.74
N ILE A 119 -9.45 29.14 -26.65
CA ILE A 119 -8.32 28.40 -27.27
C ILE A 119 -8.63 28.24 -28.74
N LYS A 120 -7.77 28.76 -29.62
CA LYS A 120 -7.95 28.68 -31.07
C LYS A 120 -6.83 27.87 -31.72
N ALA A 121 -7.19 26.72 -32.30
CA ALA A 121 -6.24 25.80 -32.92
C ALA A 121 -5.82 26.32 -34.27
N LYS A 122 -4.53 26.16 -34.60
CA LYS A 122 -3.99 26.63 -35.87
C LYS A 122 -3.04 25.60 -36.49
N GLY A 123 -2.98 25.63 -37.83
CA GLY A 123 -2.09 24.81 -38.63
C GLY A 123 -2.29 23.31 -38.66
N PRO A 124 -1.20 22.54 -38.33
CA PRO A 124 -1.31 21.07 -38.33
C PRO A 124 -2.08 20.56 -37.12
N LEU A 125 -2.16 21.40 -36.07
CA LEU A 125 -2.87 21.09 -34.83
C LEU A 125 -4.35 21.10 -35.12
N ALA A 126 -4.86 22.23 -35.63
CA ALA A 126 -6.28 22.46 -35.98
C ALA A 126 -6.98 21.22 -36.50
N SER A 127 -6.35 20.54 -37.46
CA SER A 127 -6.83 19.33 -38.12
C SER A 127 -6.98 18.15 -37.17
N GLN A 128 -5.93 17.86 -36.37
CA GLN A 128 -5.86 16.75 -35.40
C GLN A 128 -6.69 16.95 -34.11
N ILE A 129 -7.45 18.07 -34.00
CA ILE A 129 -8.22 18.43 -32.79
C ILE A 129 -9.69 18.85 -33.08
N SER A 130 -10.12 18.82 -34.37
CA SER A 130 -11.48 19.22 -34.78
C SER A 130 -12.58 18.52 -33.99
N GLY A 131 -13.34 19.33 -33.24
CA GLY A 131 -14.47 18.90 -32.44
C GLY A 131 -14.13 18.06 -31.22
N LEU A 132 -12.83 17.95 -30.90
CA LEU A 132 -12.36 17.18 -29.73
C LEU A 132 -12.64 17.93 -28.43
N TYR A 133 -12.74 19.26 -28.57
CA TYR A 133 -13.17 20.27 -27.62
C TYR A 133 -13.99 21.28 -28.45
N LEU A 134 -14.92 22.01 -27.82
CA LEU A 134 -15.78 22.98 -28.50
C LEU A 134 -15.90 24.31 -27.73
N PRO A 135 -16.25 25.46 -28.39
CA PRO A 135 -16.39 26.73 -27.64
C PRO A 135 -17.55 26.72 -26.65
N TYR A 136 -18.60 25.98 -26.99
CA TYR A 136 -19.77 25.80 -26.16
C TYR A 136 -20.42 24.48 -26.51
N LYS A 137 -21.39 24.05 -25.69
CA LYS A 137 -22.29 22.95 -26.01
C LYS A 137 -23.68 23.28 -25.49
N VAL A 138 -24.66 23.21 -26.39
CA VAL A 138 -26.07 23.47 -26.03
C VAL A 138 -26.64 22.15 -25.45
N LEU A 139 -27.07 22.18 -24.21
CA LEU A 139 -27.55 20.97 -23.55
C LEU A 139 -29.03 20.94 -23.27
N PRO A 140 -29.67 19.80 -23.54
CA PRO A 140 -31.09 19.66 -23.20
C PRO A 140 -31.24 19.40 -21.69
N VAL A 141 -31.94 20.29 -20.99
CA VAL A 141 -32.19 20.19 -19.56
C VAL A 141 -33.71 20.08 -19.40
N GLY A 142 -34.19 18.85 -19.40
CA GLY A 142 -35.61 18.55 -19.28
C GLY A 142 -36.36 19.04 -20.50
N ASP A 143 -37.32 19.95 -20.27
CA ASP A 143 -38.18 20.53 -21.31
C ASP A 143 -37.61 21.87 -21.82
N GLU A 144 -36.38 22.20 -21.41
CA GLU A 144 -35.68 23.43 -21.73
C GLU A 144 -34.25 23.19 -22.24
N VAL A 145 -33.61 24.23 -22.77
CA VAL A 145 -32.24 24.09 -23.30
C VAL A 145 -31.25 25.06 -22.58
N VAL A 146 -30.04 24.57 -22.24
CA VAL A 146 -29.01 25.37 -21.55
C VAL A 146 -27.66 25.34 -22.28
N GLY A 147 -27.22 26.52 -22.67
CA GLY A 147 -25.94 26.72 -23.34
C GLY A 147 -24.85 27.01 -22.35
N ILE A 148 -23.69 26.38 -22.54
CA ILE A 148 -22.51 26.51 -21.68
C ILE A 148 -21.29 26.79 -22.53
N VAL A 149 -20.72 28.02 -22.41
CA VAL A 149 -19.52 28.51 -23.09
C VAL A 149 -18.34 28.33 -22.17
N GLY A 150 -17.28 27.70 -22.67
CA GLY A 150 -16.05 27.44 -21.92
C GLY A 150 -14.97 28.50 -22.08
N TYR A 151 -13.96 28.48 -21.19
CA TYR A 151 -12.85 29.41 -21.24
C TYR A 151 -11.66 28.92 -20.42
N THR A 152 -10.44 29.20 -20.90
CA THR A 152 -9.18 28.76 -20.27
C THR A 152 -8.25 29.97 -20.09
N SER A 153 -7.51 30.05 -18.97
CA SER A 153 -6.56 31.13 -18.64
C SER A 153 -5.59 31.47 -19.78
N LYS A 154 -5.51 32.77 -20.13
CA LYS A 154 -4.62 33.36 -21.14
C LYS A 154 -3.16 32.93 -20.88
N GLU A 155 -2.82 32.65 -19.59
CA GLU A 155 -1.45 32.31 -19.23
C GLU A 155 -1.17 30.82 -19.13
N THR A 156 -2.00 29.96 -19.78
CA THR A 156 -1.69 28.52 -19.88
C THR A 156 -0.28 28.30 -20.57
N PRO A 157 0.14 29.01 -21.66
CA PRO A 157 1.49 28.75 -22.21
C PRO A 157 2.69 29.11 -21.31
N PHE A 158 2.44 29.83 -20.19
CA PHE A 158 3.45 30.29 -19.25
C PHE A 158 3.30 29.52 -17.93
N LEU A 159 2.30 28.61 -17.88
CA LEU A 159 1.98 27.75 -16.74
C LEU A 159 2.01 26.26 -17.05
N SER A 160 1.93 25.90 -18.34
CA SER A 160 1.90 24.52 -18.84
C SER A 160 2.57 24.41 -20.22
N ASN A 161 2.43 23.25 -20.92
CA ASN A 161 3.00 22.94 -22.23
C ASN A 161 1.91 22.79 -23.33
N PRO A 162 1.15 23.84 -23.71
CA PRO A 162 0.13 23.64 -24.75
C PRO A 162 0.66 23.67 -26.19
N GLY A 163 1.97 23.89 -26.33
CA GLY A 163 2.65 23.96 -27.62
C GLY A 163 2.52 25.30 -28.30
N THR A 164 3.14 25.44 -29.47
CA THR A 164 3.18 26.69 -30.24
C THR A 164 2.04 26.82 -31.29
N ASN A 165 1.25 25.75 -31.50
CA ASN A 165 0.17 25.75 -32.51
C ASN A 165 -1.25 25.90 -31.89
N LEU A 166 -1.34 26.48 -30.66
CA LEU A 166 -2.59 26.78 -29.94
C LEU A 166 -2.61 28.24 -29.45
N VAL A 167 -3.63 29.04 -29.87
CA VAL A 167 -3.69 30.47 -29.53
C VAL A 167 -4.67 30.75 -28.37
N PHE A 168 -4.15 31.31 -27.29
CA PHE A 168 -4.91 31.65 -26.11
C PHE A 168 -5.36 33.12 -26.16
N GLU A 169 -6.61 33.33 -26.62
CA GLU A 169 -7.26 34.65 -26.75
C GLU A 169 -7.70 35.22 -25.38
N ASP A 170 -8.02 36.56 -25.33
CA ASP A 170 -8.54 37.25 -24.14
C ASP A 170 -9.95 36.80 -24.00
N GLU A 171 -10.25 36.17 -22.84
CA GLU A 171 -11.54 35.56 -22.49
C GLU A 171 -12.77 36.39 -22.90
N ILE A 172 -12.89 37.65 -22.41
CA ILE A 172 -14.04 38.50 -22.71
C ILE A 172 -14.23 38.68 -24.24
N THR A 173 -13.15 38.96 -24.94
CA THR A 173 -13.17 39.17 -26.38
C THR A 173 -13.58 37.89 -27.12
N ALA A 174 -13.09 36.73 -26.66
CA ALA A 174 -13.40 35.48 -27.32
C ALA A 174 -14.77 34.90 -26.90
N LEU A 175 -15.30 35.35 -25.74
CA LEU A 175 -16.56 34.83 -25.18
C LEU A 175 -17.78 35.50 -25.76
N GLN A 176 -17.87 36.85 -25.74
CA GLN A 176 -19.02 37.60 -26.27
C GLN A 176 -19.55 37.11 -27.65
N PRO A 177 -18.70 36.87 -28.69
CA PRO A 177 -19.25 36.43 -29.99
C PRO A 177 -20.02 35.12 -29.88
N GLU A 178 -19.57 34.20 -29.03
CA GLU A 178 -20.19 32.92 -28.79
C GLU A 178 -21.50 33.09 -28.03
N VAL A 179 -21.52 33.95 -26.98
CA VAL A 179 -22.74 34.24 -26.22
C VAL A 179 -23.76 34.92 -27.17
N ASP A 180 -23.30 35.88 -27.99
CA ASP A 180 -24.19 36.57 -28.94
C ASP A 180 -24.67 35.66 -30.09
N LYS A 181 -23.92 34.56 -30.36
CA LYS A 181 -24.23 33.55 -31.38
C LYS A 181 -25.33 32.69 -30.82
N LEU A 182 -25.12 32.17 -29.59
CA LEU A 182 -26.06 31.32 -28.84
C LEU A 182 -27.39 32.04 -28.64
N LYS A 183 -27.33 33.35 -28.48
CA LYS A 183 -28.47 34.23 -28.30
C LYS A 183 -29.35 34.20 -29.55
N THR A 184 -28.72 34.27 -30.75
CA THR A 184 -29.41 34.24 -32.05
C THR A 184 -29.87 32.80 -32.43
N LEU A 185 -29.59 31.81 -31.56
CA LEU A 185 -30.04 30.43 -31.68
C LEU A 185 -31.15 30.22 -30.67
N ASN A 186 -31.54 31.33 -29.99
CA ASN A 186 -32.56 31.41 -28.93
C ASN A 186 -32.20 30.55 -27.74
N VAL A 187 -30.97 30.70 -27.25
CA VAL A 187 -30.47 30.04 -26.06
C VAL A 187 -30.47 31.13 -25.01
N ASN A 188 -31.54 31.13 -24.21
CA ASN A 188 -31.85 32.11 -23.16
C ASN A 188 -31.16 31.85 -21.82
N LYS A 189 -30.68 30.61 -21.61
CA LYS A 189 -30.01 30.23 -20.35
C LYS A 189 -28.55 29.87 -20.61
N ILE A 190 -27.68 30.87 -20.36
CA ILE A 190 -26.25 30.79 -20.63
C ILE A 190 -25.40 30.74 -19.36
N ILE A 191 -24.57 29.68 -19.25
CA ILE A 191 -23.62 29.52 -18.16
C ILE A 191 -22.21 29.65 -18.74
N ALA A 192 -21.36 30.46 -18.10
CA ALA A 192 -19.97 30.57 -18.50
C ALA A 192 -19.21 29.63 -17.55
N LEU A 193 -18.48 28.65 -18.09
CA LEU A 193 -17.72 27.67 -17.31
C LEU A 193 -16.25 27.71 -17.72
N GLY A 194 -15.35 28.09 -16.80
CA GLY A 194 -13.95 28.16 -17.17
C GLY A 194 -12.93 28.21 -16.07
N HIS A 195 -11.64 28.19 -16.49
CA HIS A 195 -10.46 28.12 -15.67
C HIS A 195 -9.54 29.32 -15.79
N SER A 196 -9.91 30.43 -15.17
CA SER A 196 -9.12 31.65 -15.21
C SER A 196 -8.95 32.34 -13.83
N GLY A 197 -9.72 31.91 -12.84
CA GLY A 197 -9.66 32.50 -11.49
C GLY A 197 -10.80 33.45 -11.16
N PHE A 198 -11.12 33.57 -9.88
CA PHE A 198 -12.22 34.37 -9.33
C PHE A 198 -12.27 35.82 -9.87
N GLU A 199 -11.13 36.51 -9.92
CA GLU A 199 -11.02 37.89 -10.41
C GLU A 199 -11.34 38.01 -11.91
N MET A 200 -11.08 36.94 -12.70
CA MET A 200 -11.40 36.91 -14.12
C MET A 200 -12.89 36.61 -14.23
N ASP A 201 -13.38 35.62 -13.42
CA ASP A 201 -14.76 35.18 -13.32
C ASP A 201 -15.66 36.36 -12.99
N LYS A 202 -15.22 37.26 -12.07
CA LYS A 202 -15.95 38.47 -11.69
C LYS A 202 -16.11 39.41 -12.89
N LEU A 203 -15.07 39.51 -13.75
CA LEU A 203 -15.17 40.36 -14.95
C LEU A 203 -15.95 39.71 -16.08
N ILE A 204 -15.86 38.36 -16.23
CA ILE A 204 -16.63 37.68 -17.26
C ILE A 204 -18.11 38.01 -16.99
N ALA A 205 -18.52 37.92 -15.70
CA ALA A 205 -19.87 38.25 -15.21
C ALA A 205 -20.22 39.75 -15.45
N GLN A 206 -19.25 40.64 -15.19
CA GLN A 206 -19.42 42.08 -15.33
C GLN A 206 -19.54 42.58 -16.77
N LYS A 207 -18.68 42.06 -17.68
CA LYS A 207 -18.53 42.54 -19.06
C LYS A 207 -19.23 41.75 -20.14
N VAL A 208 -19.14 40.39 -20.09
CA VAL A 208 -19.74 39.48 -21.09
C VAL A 208 -21.27 39.45 -20.91
N ARG A 209 -21.94 40.23 -21.76
CA ARG A 209 -23.40 40.39 -21.79
C ARG A 209 -24.08 39.11 -22.19
N GLY A 210 -25.14 38.77 -21.47
CA GLY A 210 -25.90 37.56 -21.72
C GLY A 210 -25.60 36.39 -20.82
N VAL A 211 -24.48 36.45 -20.09
CA VAL A 211 -24.09 35.39 -19.14
C VAL A 211 -25.02 35.44 -17.93
N ASP A 212 -25.67 34.33 -17.63
CA ASP A 212 -26.59 34.28 -16.51
C ASP A 212 -25.89 33.88 -15.19
N VAL A 213 -24.91 32.95 -15.27
CA VAL A 213 -24.13 32.39 -14.16
C VAL A 213 -22.72 32.12 -14.64
N VAL A 214 -21.71 32.42 -13.77
CA VAL A 214 -20.30 32.14 -14.02
C VAL A 214 -19.84 31.08 -13.04
N VAL A 215 -19.38 29.96 -13.57
CA VAL A 215 -18.83 28.86 -12.79
C VAL A 215 -17.32 28.88 -13.06
N GLY A 216 -16.53 28.83 -12.01
CA GLY A 216 -15.10 28.93 -12.16
C GLY A 216 -14.24 28.00 -11.34
N GLY A 217 -12.95 28.33 -11.32
CA GLY A 217 -11.90 27.58 -10.65
C GLY A 217 -10.60 28.28 -10.82
N HIS A 218 -9.47 27.52 -10.85
CA HIS A 218 -8.08 28.00 -11.03
C HIS A 218 -7.49 28.64 -9.75
N SER A 219 -8.19 29.65 -9.24
CA SER A 219 -7.83 30.40 -8.03
C SER A 219 -8.18 29.68 -6.69
N ASN A 220 -8.64 28.40 -6.75
CA ASN A 220 -9.03 27.57 -5.60
C ASN A 220 -9.80 28.40 -4.57
N THR A 221 -10.87 29.07 -5.04
CA THR A 221 -11.64 29.99 -4.24
C THR A 221 -12.76 29.25 -3.52
N PHE A 222 -12.81 29.46 -2.23
CA PHE A 222 -13.85 28.91 -1.40
C PHE A 222 -14.77 30.07 -1.05
N LEU A 223 -16.06 29.95 -1.47
CA LEU A 223 -17.13 30.90 -1.18
C LEU A 223 -18.19 30.21 -0.31
N TYR A 224 -18.67 30.90 0.74
CA TYR A 224 -19.65 30.34 1.66
C TYR A 224 -20.55 31.41 2.31
N THR A 225 -21.84 31.08 2.46
CA THR A 225 -22.83 31.93 3.12
C THR A 225 -23.16 31.31 4.51
N GLY A 226 -22.58 31.86 5.57
CA GLY A 226 -22.80 31.41 6.95
C GLY A 226 -21.57 30.92 7.70
N ASN A 227 -21.76 29.87 8.53
CA ASN A 227 -20.65 29.30 9.28
C ASN A 227 -20.00 28.11 8.55
N PRO A 228 -18.75 28.32 8.02
CA PRO A 228 -18.07 27.27 7.25
C PRO A 228 -17.97 25.90 7.92
N PRO A 229 -18.01 24.80 7.15
CA PRO A 229 -17.90 23.48 7.78
C PRO A 229 -16.49 22.99 8.13
N SER A 230 -15.42 23.60 7.54
CA SER A 230 -14.03 23.21 7.78
C SER A 230 -13.07 24.40 8.10
N LYS A 231 -11.75 24.25 7.82
CA LYS A 231 -10.69 25.25 8.07
C LYS A 231 -10.57 26.36 7.00
N GLU A 232 -11.28 26.24 5.87
CA GLU A 232 -11.25 27.26 4.80
C GLU A 232 -12.08 28.46 5.16
N VAL A 233 -11.43 29.63 5.17
CA VAL A 233 -12.08 30.90 5.44
C VAL A 233 -12.58 31.39 4.06
N PRO A 234 -13.84 31.83 3.94
CA PRO A 234 -14.36 32.24 2.63
C PRO A 234 -13.88 33.61 2.17
N ALA A 235 -13.70 33.76 0.85
CA ALA A 235 -13.33 35.05 0.24
C ALA A 235 -14.58 35.94 0.19
N GLY A 236 -15.75 35.30 0.11
CA GLY A 236 -17.03 35.97 0.06
C GLY A 236 -18.19 34.99 0.10
N LYS A 237 -19.42 35.55 0.02
CA LYS A 237 -20.68 34.82 0.04
C LYS A 237 -20.84 33.91 -1.17
N TYR A 238 -21.57 32.79 -1.01
CA TYR A 238 -21.85 31.86 -2.11
C TYR A 238 -23.35 31.96 -2.43
N PRO A 239 -23.70 32.37 -3.65
CA PRO A 239 -22.82 32.79 -4.75
C PRO A 239 -22.33 34.23 -4.56
N PHE A 240 -21.31 34.65 -5.34
CA PHE A 240 -20.79 36.02 -5.30
C PHE A 240 -21.57 36.79 -6.39
N ILE A 241 -22.31 37.81 -5.97
CA ILE A 241 -23.17 38.58 -6.88
C ILE A 241 -22.41 39.72 -7.51
N VAL A 242 -22.33 39.71 -8.84
CA VAL A 242 -21.67 40.72 -9.64
C VAL A 242 -22.74 41.55 -10.35
N THR A 243 -22.79 42.85 -10.07
CA THR A 243 -23.70 43.78 -10.72
C THR A 243 -23.06 44.16 -12.05
N SER A 244 -23.42 43.41 -13.11
CA SER A 244 -22.92 43.57 -14.48
C SER A 244 -23.22 44.96 -15.08
N ASP A 245 -22.39 45.36 -16.06
CA ASP A 245 -22.49 46.65 -16.76
C ASP A 245 -23.80 46.86 -17.55
N ASP A 246 -24.57 45.76 -17.81
CA ASP A 246 -25.84 45.82 -18.55
C ASP A 246 -27.07 45.93 -17.62
N GLY A 247 -26.87 45.88 -16.29
CA GLY A 247 -27.91 46.05 -15.28
C GLY A 247 -28.40 44.79 -14.57
N ARG A 248 -27.71 43.68 -14.75
CA ARG A 248 -28.11 42.42 -14.14
C ARG A 248 -27.21 41.99 -12.95
N LYS A 249 -27.72 41.08 -12.10
CA LYS A 249 -27.02 40.50 -10.94
C LYS A 249 -26.58 39.08 -11.37
N VAL A 250 -25.26 38.92 -11.62
CA VAL A 250 -24.71 37.67 -12.12
C VAL A 250 -24.05 36.82 -11.00
N PRO A 251 -24.68 35.66 -10.60
CA PRO A 251 -24.05 34.80 -9.59
C PRO A 251 -22.76 34.16 -10.08
N VAL A 252 -21.69 34.29 -9.27
CA VAL A 252 -20.34 33.77 -9.52
C VAL A 252 -20.08 32.71 -8.42
N VAL A 253 -19.74 31.47 -8.84
CA VAL A 253 -19.43 30.37 -7.91
C VAL A 253 -18.05 29.78 -8.14
N GLN A 254 -17.52 29.07 -7.12
CA GLN A 254 -16.27 28.31 -7.06
C GLN A 254 -16.38 27.34 -5.87
N ALA A 255 -15.85 26.11 -6.00
CA ALA A 255 -15.94 25.02 -5.01
C ALA A 255 -14.61 24.68 -4.33
N TYR A 256 -13.81 25.71 -3.95
CA TYR A 256 -12.48 25.57 -3.34
C TYR A 256 -11.61 24.76 -4.29
N ALA A 257 -11.35 23.45 -4.00
CA ALA A 257 -10.55 22.52 -4.82
C ALA A 257 -10.35 21.15 -4.18
N PHE A 258 -9.60 20.29 -4.91
CA PHE A 258 -9.18 18.93 -4.56
C PHE A 258 -10.35 18.00 -4.28
N GLY A 259 -11.52 18.33 -4.81
CA GLY A 259 -12.76 17.56 -4.64
C GLY A 259 -13.26 17.44 -3.21
N LYS A 260 -12.86 18.40 -2.33
CA LYS A 260 -13.24 18.45 -0.90
C LYS A 260 -14.70 18.84 -0.73
N TYR A 261 -15.16 19.82 -1.53
CA TYR A 261 -16.54 20.34 -1.52
C TYR A 261 -17.25 20.14 -2.88
N LEU A 262 -18.57 19.91 -2.86
CA LEU A 262 -19.33 19.86 -4.09
C LEU A 262 -20.14 21.13 -4.14
N GLY A 263 -19.90 21.97 -5.14
CA GLY A 263 -20.62 23.22 -5.34
C GLY A 263 -22.08 22.96 -5.59
N TYR A 264 -22.98 23.78 -5.01
CA TYR A 264 -24.43 23.56 -5.13
C TYR A 264 -25.14 24.89 -5.25
N LEU A 265 -25.70 25.16 -6.44
CA LEU A 265 -26.41 26.41 -6.67
C LEU A 265 -27.78 26.23 -7.32
N LYS A 266 -28.85 26.51 -6.56
CA LYS A 266 -30.24 26.47 -7.04
C LYS A 266 -30.54 27.81 -7.73
N ILE A 267 -31.02 27.77 -9.00
CA ILE A 267 -31.33 28.95 -9.84
C ILE A 267 -32.78 29.00 -10.32
N GLU A 268 -33.47 30.11 -10.00
CA GLU A 268 -34.83 30.34 -10.50
C GLU A 268 -34.69 31.17 -11.74
N PHE A 269 -35.29 30.68 -12.84
CA PHE A 269 -35.29 31.31 -14.15
C PHE A 269 -36.71 31.64 -14.59
N ASP A 270 -36.88 32.78 -15.29
CA ASP A 270 -38.17 33.17 -15.85
C ASP A 270 -38.32 32.57 -17.26
N GLU A 271 -39.48 32.83 -17.91
CA GLU A 271 -39.80 32.37 -19.28
C GLU A 271 -38.78 32.84 -20.28
N ARG A 272 -38.16 34.00 -19.99
CA ARG A 272 -37.21 34.72 -20.82
C ARG A 272 -35.79 34.23 -20.66
N GLY A 273 -35.52 33.41 -19.65
CA GLY A 273 -34.19 32.84 -19.39
C GLY A 273 -33.27 33.61 -18.45
N ASN A 274 -33.85 34.43 -17.57
CA ASN A 274 -33.13 35.27 -16.62
C ASN A 274 -33.19 34.73 -15.21
N VAL A 275 -32.20 35.09 -14.40
CA VAL A 275 -32.11 34.70 -13.01
C VAL A 275 -33.02 35.59 -12.15
N ILE A 276 -33.82 34.95 -11.27
CA ILE A 276 -34.74 35.60 -10.33
C ILE A 276 -34.20 35.35 -8.93
N SER A 277 -33.79 34.10 -8.68
CA SER A 277 -33.22 33.66 -7.41
C SER A 277 -31.98 32.84 -7.69
N SER A 278 -30.96 33.04 -6.85
CA SER A 278 -29.68 32.36 -6.95
C SER A 278 -29.19 32.11 -5.52
N HIS A 279 -29.43 30.90 -5.01
CA HIS A 279 -29.01 30.54 -3.67
C HIS A 279 -28.43 29.12 -3.61
N GLY A 280 -27.62 28.88 -2.59
CA GLY A 280 -26.98 27.61 -2.34
C GLY A 280 -25.78 27.76 -1.42
N ASN A 281 -24.90 26.75 -1.45
CA ASN A 281 -23.63 26.69 -0.70
C ASN A 281 -22.86 25.39 -1.08
N PRO A 282 -21.51 25.38 -0.97
CA PRO A 282 -20.78 24.13 -1.27
C PRO A 282 -20.97 23.07 -0.18
N ILE A 283 -21.29 21.84 -0.59
CA ILE A 283 -21.49 20.72 0.33
C ILE A 283 -20.13 20.14 0.67
N LEU A 284 -19.77 20.07 1.96
CA LEU A 284 -18.51 19.47 2.33
C LEU A 284 -18.66 17.96 2.25
N LEU A 285 -17.85 17.32 1.40
CA LEU A 285 -17.82 15.86 1.29
C LEU A 285 -17.04 15.33 2.51
N ASP A 286 -17.76 15.01 3.58
CA ASP A 286 -17.13 14.55 4.81
C ASP A 286 -17.46 13.10 5.15
N SER A 287 -16.80 12.56 6.20
CA SER A 287 -17.01 11.22 6.76
C SER A 287 -18.47 10.73 6.70
N SER A 288 -19.45 11.66 6.97
CA SER A 288 -20.91 11.48 6.99
C SER A 288 -21.57 11.13 5.61
N ILE A 289 -20.89 11.33 4.47
CA ILE A 289 -21.49 10.94 3.18
C ILE A 289 -20.75 9.67 2.78
N PRO A 290 -21.41 8.50 2.67
CA PRO A 290 -20.67 7.27 2.38
C PRO A 290 -20.11 7.19 0.98
N GLU A 291 -19.09 6.35 0.82
CA GLU A 291 -18.52 6.11 -0.50
C GLU A 291 -19.43 5.11 -1.23
N ASP A 292 -19.73 5.34 -2.52
CA ASP A 292 -20.54 4.39 -3.30
C ASP A 292 -19.74 3.10 -3.45
N PRO A 293 -20.34 1.92 -3.15
CA PRO A 293 -19.57 0.68 -3.23
C PRO A 293 -18.97 0.37 -4.59
N SER A 294 -19.74 0.60 -5.70
CA SER A 294 -19.30 0.28 -7.07
C SER A 294 -18.13 1.13 -7.56
N ILE A 295 -18.17 2.45 -7.28
CA ILE A 295 -17.08 3.40 -7.62
C ILE A 295 -15.85 3.07 -6.77
N LYS A 296 -16.04 2.87 -5.44
CA LYS A 296 -14.95 2.52 -4.50
C LYS A 296 -14.26 1.22 -4.93
N ALA A 297 -15.05 0.20 -5.29
CA ALA A 297 -14.56 -1.11 -5.77
C ALA A 297 -13.68 -0.94 -7.02
N ASP A 298 -14.12 -0.04 -7.94
CA ASP A 298 -13.48 0.26 -9.20
C ASP A 298 -12.21 1.06 -8.97
N ILE A 299 -12.24 1.99 -7.98
CA ILE A 299 -11.10 2.82 -7.55
C ILE A 299 -9.99 1.89 -7.02
N ASN A 300 -10.40 0.81 -6.31
CA ASN A 300 -9.52 -0.21 -5.77
C ASN A 300 -8.84 -1.03 -6.88
N LYS A 301 -9.54 -1.27 -8.02
CA LYS A 301 -9.00 -1.98 -9.19
C LYS A 301 -7.83 -1.17 -9.82
N TRP A 302 -8.00 0.15 -9.91
CA TRP A 302 -7.01 1.08 -10.45
C TRP A 302 -5.84 1.34 -9.47
N ARG A 303 -6.04 1.04 -8.17
CA ARG A 303 -5.05 1.24 -7.11
C ARG A 303 -3.94 0.17 -7.08
N ILE A 304 -4.11 -0.95 -7.81
CA ILE A 304 -3.09 -2.02 -7.84
C ILE A 304 -1.78 -1.52 -8.48
N LYS A 305 -1.88 -0.76 -9.61
CA LYS A 305 -0.73 -0.17 -10.31
C LYS A 305 0.01 0.82 -9.40
N LEU A 306 -0.73 1.62 -8.62
CA LEU A 306 -0.17 2.64 -7.72
C LEU A 306 0.48 2.09 -6.46
N ASP A 307 0.06 0.88 -6.02
CA ASP A 307 0.56 0.27 -4.77
C ASP A 307 2.09 0.13 -4.71
N ASP A 308 2.75 -0.16 -5.85
CA ASP A 308 4.20 -0.34 -5.96
C ASP A 308 4.99 0.99 -6.08
N TYR A 309 4.68 1.96 -5.18
CA TYR A 309 5.29 3.31 -5.06
C TYR A 309 5.44 3.66 -3.59
N SER A 310 4.30 3.63 -2.85
CA SER A 310 4.23 3.88 -1.41
C SER A 310 4.96 2.78 -0.61
N THR A 311 5.35 1.68 -1.29
CA THR A 311 6.07 0.51 -0.76
C THR A 311 7.26 0.89 0.13
N GLN A 312 8.18 1.75 -0.37
CA GLN A 312 9.34 2.13 0.43
C GLN A 312 9.25 3.54 1.00
N GLU A 313 9.61 3.60 2.31
CA GLU A 313 9.69 4.78 3.15
C GLU A 313 11.04 5.41 2.87
N LEU A 314 11.04 6.73 2.66
CA LEU A 314 12.23 7.50 2.36
C LEU A 314 12.72 8.25 3.60
N GLY A 315 11.92 8.26 4.65
CA GLY A 315 12.26 8.94 5.90
C GLY A 315 11.07 9.26 6.78
N LYS A 316 11.32 10.02 7.87
CA LYS A 316 10.28 10.41 8.83
C LYS A 316 10.38 11.89 9.19
N THR A 317 9.21 12.57 9.33
CA THR A 317 9.14 13.96 9.79
C THR A 317 8.49 14.04 11.18
N ILE A 318 9.15 14.72 12.13
CA ILE A 318 8.61 14.87 13.48
C ILE A 318 7.65 16.06 13.54
N VAL A 319 7.63 16.86 12.46
CA VAL A 319 6.81 18.08 12.34
C VAL A 319 5.86 17.94 11.16
N TYR A 320 4.79 18.74 11.16
CA TYR A 320 3.87 18.75 10.05
C TYR A 320 4.50 19.55 8.89
N LEU A 321 4.75 18.87 7.75
CA LEU A 321 5.33 19.52 6.59
C LEU A 321 4.24 20.32 5.87
N ASP A 322 4.04 21.59 6.27
CA ASP A 322 3.02 22.46 5.70
C ASP A 322 3.40 22.94 4.31
N GLY A 323 2.80 22.27 3.32
CA GLY A 323 2.93 22.53 1.89
C GLY A 323 1.63 23.06 1.32
N SER A 324 0.80 23.67 2.20
CA SER A 324 -0.50 24.26 1.86
C SER A 324 -0.34 25.56 1.08
N SER A 325 -1.28 25.84 0.17
CA SER A 325 -1.27 27.05 -0.64
C SER A 325 -1.53 28.31 0.20
N GLN A 326 -2.28 28.14 1.27
CA GLN A 326 -2.73 29.19 2.19
C GLN A 326 -1.58 29.72 3.03
N SER A 327 -0.50 28.90 3.15
CA SER A 327 0.71 29.21 3.88
C SER A 327 1.85 29.57 2.88
N CYS A 328 2.24 28.61 2.00
CA CYS A 328 3.30 28.72 1.01
C CYS A 328 3.13 29.85 -0.03
N ARG A 329 1.95 30.48 -0.14
CA ARG A 329 1.79 31.54 -1.12
C ARG A 329 1.56 32.89 -0.48
N PHE A 330 1.51 32.94 0.86
CA PHE A 330 1.31 34.19 1.60
C PHE A 330 2.46 34.56 2.52
N ARG A 331 3.23 33.57 2.99
CA ARG A 331 4.31 33.83 3.93
C ARG A 331 5.25 32.63 3.93
N GLU A 332 6.28 32.66 4.78
CA GLU A 332 7.27 31.59 4.95
C GLU A 332 6.57 30.28 5.35
N CYS A 333 6.86 29.18 4.62
CA CYS A 333 6.28 27.87 4.91
C CYS A 333 7.36 26.81 5.02
N ASN A 334 7.30 25.96 6.07
CA ASN A 334 8.32 24.97 6.36
C ASN A 334 8.60 23.96 5.21
N MET A 335 7.62 23.75 4.28
CA MET A 335 7.87 22.88 3.13
C MET A 335 8.81 23.58 2.16
N GLY A 336 8.67 24.91 2.04
CA GLY A 336 9.53 25.72 1.18
C GLY A 336 10.97 25.64 1.63
N ASN A 337 11.16 25.87 2.95
CA ASN A 337 12.44 25.80 3.64
C ASN A 337 13.03 24.42 3.46
N LEU A 338 12.25 23.34 3.75
CA LEU A 338 12.72 21.97 3.57
C LEU A 338 13.26 21.73 2.16
N ILE A 339 12.41 22.03 1.11
CA ILE A 339 12.80 21.85 -0.30
C ILE A 339 14.05 22.66 -0.61
N CYS A 340 14.04 23.99 -0.35
CA CYS A 340 15.19 24.88 -0.59
C CYS A 340 16.49 24.39 0.08
N ASP A 341 16.37 23.77 1.26
CA ASP A 341 17.51 23.23 1.97
C ASP A 341 18.07 21.99 1.27
N ALA A 342 17.18 21.14 0.74
CA ALA A 342 17.51 19.90 0.01
C ALA A 342 18.24 20.20 -1.30
N MET A 343 17.91 21.35 -1.93
CA MET A 343 18.49 21.82 -3.20
C MET A 343 19.91 22.28 -2.98
N ILE A 344 20.11 23.12 -1.94
CA ILE A 344 21.42 23.64 -1.57
C ILE A 344 22.28 22.44 -1.14
N ASN A 345 21.73 21.57 -0.25
CA ASN A 345 22.41 20.36 0.20
C ASN A 345 22.80 19.43 -0.94
N ASN A 346 22.02 19.42 -2.04
CA ASN A 346 22.28 18.60 -3.20
C ASN A 346 23.53 19.09 -3.89
N ASN A 347 23.61 20.41 -4.10
CA ASN A 347 24.70 21.08 -4.78
C ASN A 347 25.98 21.10 -3.97
N LEU A 348 25.87 21.54 -2.70
CA LEU A 348 27.03 21.67 -1.81
C LEU A 348 27.61 20.34 -1.35
N ARG A 349 26.92 19.21 -1.60
CA ARG A 349 27.49 17.90 -1.30
C ARG A 349 28.59 17.59 -2.35
N HIS A 350 28.37 18.04 -3.61
CA HIS A 350 29.29 17.86 -4.73
C HIS A 350 29.75 19.25 -5.24
N ALA A 351 30.59 19.96 -4.44
CA ALA A 351 31.09 21.31 -4.74
C ALA A 351 32.47 21.60 -4.14
N ASP A 352 32.77 22.91 -3.92
CA ASP A 352 34.01 23.48 -3.37
C ASP A 352 35.22 23.34 -4.29
N GLU A 353 35.89 24.48 -4.53
CA GLU A 353 37.12 24.65 -5.31
C GLU A 353 37.84 25.85 -4.68
N MET A 354 37.04 26.91 -4.40
CA MET A 354 37.43 28.16 -3.78
C MET A 354 36.09 28.83 -3.37
N PHE A 355 35.85 30.10 -3.78
CA PHE A 355 34.61 30.82 -3.50
C PHE A 355 33.63 30.59 -4.66
N TRP A 356 34.07 29.82 -5.69
CA TRP A 356 33.27 29.45 -6.87
C TRP A 356 32.91 27.95 -6.85
N ASN A 357 31.83 27.58 -7.60
CA ASN A 357 31.15 26.28 -7.72
C ASN A 357 30.17 26.09 -6.54
N HIS A 358 30.29 27.02 -5.57
CA HIS A 358 29.50 27.16 -4.37
C HIS A 358 28.20 27.87 -4.71
N VAL A 359 27.14 27.56 -3.93
CA VAL A 359 25.80 28.14 -3.99
C VAL A 359 25.29 28.28 -2.56
N SER A 360 24.78 29.45 -2.24
CA SER A 360 24.26 29.75 -0.90
C SER A 360 22.83 30.27 -0.99
N MET A 361 22.30 30.35 -2.20
CA MET A 361 20.97 30.89 -2.41
C MET A 361 20.04 29.97 -3.20
N CYS A 362 18.74 30.04 -2.87
CA CYS A 362 17.67 29.23 -3.43
C CYS A 362 16.38 30.01 -3.45
N ILE A 363 15.71 30.07 -4.59
CA ILE A 363 14.39 30.69 -4.73
C ILE A 363 13.47 29.66 -5.32
N LEU A 364 12.18 29.72 -4.94
CA LEU A 364 11.18 28.73 -5.31
C LEU A 364 9.79 29.32 -5.19
N ASN A 365 9.05 29.35 -6.32
CA ASN A 365 7.67 29.80 -6.42
C ASN A 365 6.78 28.88 -5.56
N GLY A 366 6.07 29.49 -4.61
CA GLY A 366 5.17 28.83 -3.66
C GLY A 366 4.07 28.00 -4.28
N GLY A 367 3.61 28.43 -5.44
CA GLY A 367 2.60 27.70 -6.21
C GLY A 367 3.09 26.36 -6.70
N GLY A 368 4.41 26.18 -6.76
CA GLY A 368 5.05 24.94 -7.17
C GLY A 368 4.98 23.88 -6.09
N ILE A 369 4.63 24.29 -4.84
CA ILE A 369 4.45 23.42 -3.67
C ILE A 369 2.98 23.03 -3.71
N ARG A 370 2.74 21.80 -4.18
CA ARG A 370 1.40 21.34 -4.52
C ARG A 370 0.66 20.49 -3.44
N SER A 371 1.30 20.15 -2.31
CA SER A 371 0.66 19.40 -1.23
C SER A 371 1.40 19.45 0.14
N PRO A 372 0.67 19.39 1.28
CA PRO A 372 1.35 19.25 2.58
C PRO A 372 1.58 17.76 2.91
N ILE A 373 2.37 17.47 3.95
CA ILE A 373 2.59 16.11 4.43
C ILE A 373 2.33 16.07 5.94
N ASP A 374 1.44 15.17 6.35
CA ASP A 374 1.04 14.94 7.71
C ASP A 374 2.05 13.99 8.41
N GLU A 375 2.47 14.40 9.63
CA GLU A 375 3.45 13.71 10.48
C GLU A 375 2.81 12.60 11.36
N ARG A 376 1.46 12.63 11.52
CA ARG A 376 0.64 11.75 12.35
C ARG A 376 0.77 10.23 12.07
N ASN A 377 1.22 9.83 10.86
CA ASN A 377 1.41 8.40 10.59
C ASN A 377 2.87 8.02 10.84
N ASP A 378 3.19 7.70 12.12
CA ASP A 378 4.51 7.25 12.59
C ASP A 378 5.72 8.10 12.09
N GLY A 379 5.44 9.31 11.60
CA GLY A 379 6.44 10.21 11.02
C GLY A 379 6.69 9.98 9.54
N THR A 380 6.54 8.69 9.11
CA THR A 380 6.71 8.05 7.79
C THR A 380 6.45 8.97 6.57
N ILE A 381 7.31 8.85 5.54
CA ILE A 381 7.25 9.58 4.26
C ILE A 381 7.58 8.60 3.12
N THR A 382 6.68 8.45 2.12
CA THR A 382 6.92 7.55 0.98
C THR A 382 7.12 8.37 -0.32
N TRP A 383 7.31 7.67 -1.46
CA TRP A 383 7.47 8.29 -2.78
C TRP A 383 6.15 8.99 -3.15
N GLU A 384 5.00 8.28 -2.89
CA GLU A 384 3.64 8.75 -3.11
C GLU A 384 3.36 10.06 -2.36
N ASN A 385 3.89 10.19 -1.13
CA ASN A 385 3.75 11.40 -0.31
C ASN A 385 4.45 12.58 -0.97
N LEU A 386 5.65 12.34 -1.51
CA LEU A 386 6.46 13.36 -2.17
C LEU A 386 5.90 13.73 -3.53
N ALA A 387 5.44 12.71 -4.30
CA ALA A 387 4.84 12.85 -5.64
C ALA A 387 3.65 13.79 -5.65
N ALA A 388 3.01 14.00 -4.48
CA ALA A 388 1.91 14.93 -4.34
C ALA A 388 2.43 16.36 -4.12
N VAL A 389 3.55 16.50 -3.41
CA VAL A 389 4.17 17.80 -3.11
C VAL A 389 4.78 18.37 -4.38
N LEU A 390 5.52 17.51 -5.13
CA LEU A 390 6.23 17.82 -6.36
C LEU A 390 5.74 16.86 -7.48
N PRO A 391 4.61 17.20 -8.13
CA PRO A 391 4.07 16.31 -9.17
C PRO A 391 4.62 16.50 -10.60
N PHE A 392 4.99 17.75 -10.94
CA PHE A 392 5.37 18.27 -12.23
C PHE A 392 6.45 17.53 -13.00
N GLY A 393 7.55 17.14 -12.37
CA GLY A 393 8.61 16.45 -13.09
C GLY A 393 9.71 17.35 -13.61
N GLY A 394 9.88 18.51 -12.97
CA GLY A 394 10.90 19.49 -13.28
C GLY A 394 12.22 19.15 -12.65
N THR A 395 13.13 20.13 -12.62
CA THR A 395 14.47 19.98 -12.06
C THR A 395 14.86 21.19 -11.27
N PHE A 396 15.89 21.06 -10.45
CA PHE A 396 16.42 22.18 -9.68
C PHE A 396 17.71 22.67 -10.36
N ASP A 397 17.52 23.71 -11.17
CA ASP A 397 18.50 24.34 -12.02
C ASP A 397 19.31 25.44 -11.35
N LEU A 398 20.56 25.54 -11.79
CA LEU A 398 21.53 26.52 -11.32
C LEU A 398 21.65 27.69 -12.30
N VAL A 399 21.34 28.89 -11.78
CA VAL A 399 21.35 30.15 -12.50
C VAL A 399 22.44 31.09 -11.93
N GLN A 400 22.77 32.17 -12.67
CA GLN A 400 23.72 33.20 -12.25
C GLN A 400 23.04 34.55 -12.45
N LEU A 401 22.86 35.31 -11.36
CA LEU A 401 22.11 36.57 -11.43
C LEU A 401 22.76 37.77 -10.80
N LYS A 402 22.48 38.93 -11.42
CA LYS A 402 22.85 40.25 -10.96
C LYS A 402 22.00 40.57 -9.70
N GLY A 403 22.48 41.49 -8.86
CA GLY A 403 21.76 41.96 -7.68
C GLY A 403 20.44 42.61 -8.06
N SER A 404 20.41 43.27 -9.23
CA SER A 404 19.25 43.94 -9.82
C SER A 404 18.18 42.94 -10.26
N THR A 405 18.57 41.85 -10.95
CA THR A 405 17.67 40.78 -11.42
C THR A 405 17.04 40.08 -10.20
N LEU A 406 17.85 39.79 -9.15
CA LEU A 406 17.36 39.18 -7.92
C LEU A 406 16.45 40.12 -7.18
N LYS A 407 16.74 41.45 -7.19
CA LYS A 407 15.87 42.44 -6.56
C LYS A 407 14.54 42.44 -7.31
N LYS A 408 14.62 42.52 -8.68
CA LYS A 408 13.46 42.52 -9.58
C LYS A 408 12.51 41.33 -9.30
N ALA A 409 13.05 40.10 -9.22
CA ALA A 409 12.27 38.88 -8.92
C ALA A 409 11.57 38.96 -7.56
N PHE A 410 12.24 39.50 -6.53
CA PHE A 410 11.69 39.71 -5.17
C PHE A 410 10.64 40.80 -5.11
N GLU A 411 10.72 41.78 -6.02
CA GLU A 411 9.72 42.84 -6.11
C GLU A 411 8.47 42.31 -6.83
N HIS A 412 8.70 41.33 -7.74
CA HIS A 412 7.68 40.62 -8.48
C HIS A 412 6.95 39.71 -7.49
N SER A 413 7.73 38.94 -6.68
CA SER A 413 7.25 38.01 -5.65
C SER A 413 6.03 38.51 -4.86
N VAL A 414 5.98 39.84 -4.54
CA VAL A 414 4.88 40.48 -3.82
C VAL A 414 4.25 41.67 -4.61
N HIS A 415 4.21 41.61 -5.96
CA HIS A 415 3.64 42.72 -6.71
C HIS A 415 2.10 42.77 -6.59
N ARG A 416 1.41 41.61 -6.73
CA ARG A 416 -0.05 41.46 -6.62
C ARG A 416 -0.41 40.57 -5.38
N TYR A 417 0.28 40.82 -4.25
CA TYR A 417 0.12 40.06 -3.02
C TYR A 417 -1.32 40.11 -2.48
N GLY A 418 -1.77 38.96 -1.95
CA GLY A 418 -3.09 38.77 -1.36
C GLY A 418 -4.10 38.27 -2.37
N GLN A 419 -3.65 37.40 -3.27
CA GLN A 419 -4.48 36.86 -4.36
C GLN A 419 -4.30 35.35 -4.54
N SER A 420 -3.54 34.69 -3.64
CA SER A 420 -3.20 33.25 -3.69
C SER A 420 -2.38 32.93 -4.97
N THR A 421 -1.70 33.96 -5.47
CA THR A 421 -0.81 33.90 -6.63
C THR A 421 0.46 33.15 -6.23
N GLY A 422 0.79 32.14 -7.02
CA GLY A 422 1.90 31.25 -6.77
C GLY A 422 3.28 31.81 -7.02
N GLU A 423 3.37 33.03 -7.58
CA GLU A 423 4.68 33.65 -7.87
C GLU A 423 5.52 33.86 -6.58
N PHE A 424 4.84 34.12 -5.42
CA PHE A 424 5.44 34.32 -4.10
C PHE A 424 6.44 33.21 -3.83
N LEU A 425 7.74 33.61 -3.74
CA LEU A 425 8.92 32.77 -3.54
C LEU A 425 9.24 32.41 -2.06
N GLN A 426 9.51 31.13 -1.83
CA GLN A 426 10.04 30.57 -0.59
C GLN A 426 11.55 30.61 -0.91
N VAL A 427 12.42 30.75 0.12
CA VAL A 427 13.86 30.96 -0.04
C VAL A 427 14.79 30.09 0.80
N GLY A 428 15.98 29.83 0.28
CA GLY A 428 17.03 29.06 0.94
C GLY A 428 18.31 29.86 1.01
N GLY A 429 18.70 30.25 2.24
CA GLY A 429 19.90 31.06 2.45
C GLY A 429 19.73 32.49 1.99
N ILE A 430 18.51 33.07 2.23
CA ILE A 430 18.17 34.46 1.89
C ILE A 430 17.27 34.99 3.04
N HIS A 431 17.44 36.27 3.42
CA HIS A 431 16.65 36.91 4.46
C HIS A 431 15.98 38.17 3.88
N VAL A 432 14.70 38.05 3.51
CA VAL A 432 13.89 39.11 2.90
C VAL A 432 12.90 39.76 3.87
N VAL A 433 12.71 41.08 3.73
CA VAL A 433 11.76 41.84 4.54
C VAL A 433 10.93 42.71 3.61
N TYR A 434 9.59 42.50 3.63
CA TYR A 434 8.62 43.20 2.80
C TYR A 434 7.81 44.21 3.59
N ASP A 435 7.44 45.33 2.93
CA ASP A 435 6.54 46.34 3.48
C ASP A 435 5.48 46.64 2.43
N LEU A 436 4.39 45.86 2.47
CA LEU A 436 3.30 45.90 1.51
C LEU A 436 2.52 47.23 1.50
N SER A 437 2.78 48.12 2.47
CA SER A 437 2.17 49.46 2.52
C SER A 437 2.64 50.24 1.30
N ARG A 438 3.92 50.05 0.94
CA ARG A 438 4.63 50.66 -0.19
C ARG A 438 4.03 50.23 -1.53
N LYS A 439 4.09 51.12 -2.54
CA LYS A 439 3.58 50.89 -3.90
C LYS A 439 4.29 49.66 -4.52
N PRO A 440 3.62 48.90 -5.43
CA PRO A 440 4.27 47.70 -6.00
C PRO A 440 5.53 47.99 -6.80
N GLY A 441 6.61 47.25 -6.49
CA GLY A 441 7.90 47.38 -7.14
C GLY A 441 8.96 48.05 -6.28
N ASP A 442 8.53 48.52 -5.09
CA ASP A 442 9.39 49.16 -4.11
C ASP A 442 8.93 48.69 -2.71
N ARG A 443 8.56 47.40 -2.62
CA ARG A 443 8.05 46.73 -1.42
C ARG A 443 9.13 45.96 -0.65
N VAL A 444 10.31 45.73 -1.26
CA VAL A 444 11.41 45.06 -0.60
C VAL A 444 12.18 46.18 0.14
N VAL A 445 12.19 46.14 1.48
CA VAL A 445 12.85 47.13 2.34
C VAL A 445 14.20 46.60 2.89
N LYS A 446 14.40 45.28 2.80
CA LYS A 446 15.61 44.58 3.23
C LYS A 446 15.70 43.28 2.44
N LEU A 447 16.92 42.94 2.04
CA LEU A 447 17.28 41.72 1.32
C LEU A 447 18.75 41.47 1.63
N ASP A 448 18.99 40.44 2.47
CA ASP A 448 20.32 40.02 2.90
C ASP A 448 20.52 38.61 2.41
N VAL A 449 21.69 38.38 1.81
CA VAL A 449 22.00 37.10 1.20
C VAL A 449 23.28 36.50 1.77
N LEU A 450 23.28 35.17 1.94
CA LEU A 450 24.39 34.38 2.44
C LEU A 450 25.52 34.44 1.44
N CYS A 451 26.74 34.73 1.93
CA CYS A 451 27.93 34.86 1.09
C CYS A 451 28.63 33.53 0.83
N THR A 452 29.31 33.46 -0.31
CA THR A 452 30.17 32.34 -0.71
C THR A 452 31.61 32.84 -0.67
N LYS A 453 31.88 34.07 -1.23
CA LYS A 453 33.18 34.75 -1.24
C LYS A 453 33.44 35.29 0.19
N CYS A 454 33.61 34.33 1.12
CA CYS A 454 33.84 34.45 2.56
C CYS A 454 34.14 33.04 3.10
N ARG A 455 35.12 32.94 4.02
CA ARG A 455 35.51 31.67 4.68
C ARG A 455 34.43 31.29 5.72
N VAL A 456 33.83 32.32 6.39
CA VAL A 456 32.72 32.15 7.34
C VAL A 456 31.49 32.73 6.66
N PRO A 457 30.45 31.88 6.38
CA PRO A 457 29.24 32.40 5.75
C PRO A 457 28.38 33.17 6.74
N SER A 458 28.03 34.39 6.34
CA SER A 458 27.23 35.35 7.08
C SER A 458 26.34 36.05 6.05
N TYR A 459 25.25 36.65 6.51
CA TYR A 459 24.31 37.35 5.65
C TYR A 459 24.73 38.80 5.51
N ASP A 460 24.93 39.21 4.28
CA ASP A 460 25.34 40.54 3.88
C ASP A 460 24.26 41.18 3.00
N PRO A 461 24.07 42.52 3.07
CA PRO A 461 23.06 43.16 2.20
C PRO A 461 23.32 42.89 0.73
N LEU A 462 22.25 42.60 -0.02
CA LEU A 462 22.36 42.31 -1.44
C LEU A 462 22.85 43.57 -2.15
N LYS A 463 23.83 43.36 -3.05
CA LYS A 463 24.51 44.37 -3.86
C LYS A 463 23.98 44.29 -5.29
N MET A 464 23.36 45.39 -5.75
CA MET A 464 22.75 45.49 -7.08
C MET A 464 23.70 45.16 -8.25
N ASP A 465 25.03 45.38 -8.07
CA ASP A 465 26.08 45.16 -9.08
C ASP A 465 26.87 43.84 -8.94
N GLU A 466 26.63 43.04 -7.89
CA GLU A 466 27.33 41.74 -7.68
C GLU A 466 26.65 40.60 -8.46
N VAL A 467 27.28 39.41 -8.52
CA VAL A 467 26.73 38.24 -9.23
C VAL A 467 26.60 37.09 -8.27
N TYR A 468 25.39 36.52 -8.21
CA TYR A 468 24.99 35.47 -7.29
C TYR A 468 24.61 34.18 -7.98
N LYS A 469 24.80 33.03 -7.31
CA LYS A 469 24.50 31.69 -7.82
C LYS A 469 23.39 31.07 -7.00
N VAL A 470 22.19 31.14 -7.60
CA VAL A 470 20.90 30.67 -7.06
C VAL A 470 20.51 29.29 -7.63
N ILE A 471 19.91 28.44 -6.78
CA ILE A 471 19.34 27.17 -7.20
C ILE A 471 17.83 27.42 -7.23
N LEU A 472 17.22 27.18 -8.39
CA LEU A 472 15.79 27.44 -8.55
C LEU A 472 15.14 26.38 -9.45
N PRO A 473 13.80 26.20 -9.44
CA PRO A 473 13.20 25.22 -10.34
C PRO A 473 13.30 25.65 -11.82
N ASN A 474 13.45 24.67 -12.72
CA ASN A 474 13.53 24.93 -14.16
C ASN A 474 12.36 25.84 -14.62
N PHE A 475 11.12 25.60 -14.13
CA PHE A 475 9.95 26.41 -14.49
C PHE A 475 10.24 27.92 -14.30
N LEU A 476 10.88 28.28 -13.14
CA LEU A 476 11.25 29.64 -12.76
C LEU A 476 12.38 30.12 -13.64
N ALA A 477 13.37 29.25 -13.97
CA ALA A 477 14.52 29.61 -14.81
C ALA A 477 14.04 30.01 -16.18
N ASN A 478 13.17 29.19 -16.77
CA ASN A 478 12.62 29.44 -18.10
C ASN A 478 11.62 30.60 -18.07
N GLY A 479 11.66 31.39 -17.01
CA GLY A 479 10.80 32.55 -16.85
C GLY A 479 9.32 32.28 -16.65
N GLY A 480 9.01 31.21 -15.91
CA GLY A 480 7.63 30.91 -15.56
C GLY A 480 7.15 31.85 -14.47
N ASP A 481 5.83 31.85 -14.20
CA ASP A 481 5.16 32.67 -13.18
C ASP A 481 5.41 34.23 -13.28
N GLY A 482 5.82 34.70 -14.47
CA GLY A 482 6.03 36.11 -14.80
C GLY A 482 7.43 36.63 -14.64
N PHE A 483 8.32 35.74 -14.14
CA PHE A 483 9.72 35.98 -13.88
C PHE A 483 10.49 35.96 -15.21
N GLN A 484 10.13 36.93 -16.09
CA GLN A 484 10.66 37.21 -17.41
C GLN A 484 12.08 37.74 -17.25
N MET A 485 12.32 38.54 -16.20
CA MET A 485 13.64 39.09 -15.88
C MET A 485 14.67 37.99 -15.60
N ILE A 486 14.26 36.82 -15.07
CA ILE A 486 15.17 35.71 -14.82
C ILE A 486 15.66 35.17 -16.17
N LYS A 487 14.73 34.76 -17.05
CA LYS A 487 15.02 34.24 -18.39
C LYS A 487 15.83 35.29 -19.19
N ASP A 488 15.39 36.57 -19.16
CA ASP A 488 16.02 37.63 -19.95
C ASP A 488 17.37 38.06 -19.44
N GLU A 489 17.49 38.43 -18.13
CA GLU A 489 18.72 38.97 -17.52
C GLU A 489 19.66 37.92 -16.85
N LEU A 490 19.41 36.59 -17.00
CA LEU A 490 20.31 35.60 -16.40
C LEU A 490 21.65 35.65 -17.12
N LEU A 491 22.76 35.47 -16.38
CA LEU A 491 24.10 35.51 -16.96
C LEU A 491 24.71 34.12 -17.18
N ARG A 492 23.98 33.04 -16.83
CA ARG A 492 24.38 31.63 -16.98
C ARG A 492 23.23 30.74 -16.47
N HIS A 493 23.08 29.55 -17.05
CA HIS A 493 22.07 28.58 -16.66
C HIS A 493 22.52 27.15 -16.96
N ASP A 494 22.79 26.39 -15.91
CA ASP A 494 23.19 24.99 -15.99
C ASP A 494 22.07 24.19 -15.31
N SER A 495 21.54 23.18 -16.02
CA SER A 495 20.39 22.39 -15.56
C SER A 495 20.75 21.25 -14.62
N GLY A 496 20.10 21.26 -13.46
CA GLY A 496 20.29 20.31 -12.37
C GLY A 496 19.59 18.98 -12.50
N ASP A 497 19.21 18.40 -11.33
CA ASP A 497 18.56 17.09 -11.23
C ASP A 497 17.05 17.15 -10.94
N GLN A 498 16.33 16.04 -11.25
CA GLN A 498 14.90 15.83 -11.05
C GLN A 498 14.39 16.20 -9.64
N ASP A 499 13.52 17.24 -9.57
CA ASP A 499 12.91 17.82 -8.35
C ASP A 499 12.62 16.80 -7.22
N ILE A 500 11.93 15.70 -7.55
CA ILE A 500 11.57 14.64 -6.60
C ILE A 500 12.81 13.95 -6.06
N ASN A 501 13.71 13.49 -6.94
CA ASN A 501 14.95 12.80 -6.58
C ASN A 501 15.85 13.65 -5.68
N VAL A 502 15.91 14.97 -5.92
CA VAL A 502 16.69 15.92 -5.13
C VAL A 502 16.19 15.92 -3.66
N VAL A 503 14.87 16.08 -3.45
CA VAL A 503 14.28 16.11 -2.11
C VAL A 503 14.22 14.68 -1.50
N SER A 504 13.99 13.62 -2.29
CA SER A 504 13.97 12.24 -1.76
C SER A 504 15.29 11.82 -1.11
N THR A 505 16.41 12.01 -1.82
CA THR A 505 17.74 11.63 -1.38
C THR A 505 18.15 12.39 -0.11
N TYR A 506 17.74 13.69 0.03
CA TYR A 506 17.97 14.51 1.23
C TYR A 506 17.20 13.93 2.42
N ILE A 507 15.96 13.49 2.21
CA ILE A 507 15.13 12.88 3.26
C ILE A 507 15.74 11.52 3.61
N SER A 508 16.19 10.76 2.59
CA SER A 508 16.88 9.49 2.77
C SER A 508 18.18 9.73 3.56
N LYS A 509 18.78 10.94 3.42
CA LYS A 509 20.03 11.33 4.09
C LYS A 509 19.78 11.73 5.55
N MET A 510 18.97 12.77 5.76
CA MET A 510 18.64 13.31 7.08
C MET A 510 18.04 12.29 8.03
N LYS A 511 17.31 11.29 7.47
CA LYS A 511 16.58 10.18 8.12
C LYS A 511 15.37 10.67 8.91
N VAL A 512 15.54 11.73 9.73
CA VAL A 512 14.51 12.35 10.55
C VAL A 512 14.59 13.87 10.33
N ILE A 513 13.55 14.48 9.73
CA ILE A 513 13.51 15.91 9.41
C ILE A 513 12.59 16.71 10.32
N TYR A 514 12.86 18.02 10.47
CA TYR A 514 12.08 18.93 11.32
C TYR A 514 12.17 20.42 10.87
N PRO A 515 11.84 20.75 9.61
CA PRO A 515 11.93 22.16 9.17
C PRO A 515 11.06 23.12 9.97
N ALA A 516 11.48 24.38 10.06
CA ALA A 516 10.78 25.39 10.85
C ALA A 516 10.62 26.72 10.14
N VAL A 517 9.73 27.57 10.65
CA VAL A 517 9.53 28.93 10.16
C VAL A 517 10.40 29.84 11.08
N GLU A 518 11.63 30.11 10.59
CA GLU A 518 12.72 30.79 11.26
C GLU A 518 13.04 32.25 10.81
N GLY A 519 12.13 32.89 10.09
CA GLY A 519 12.30 34.30 9.71
C GLY A 519 13.02 34.60 8.42
N ARG A 520 13.13 33.63 7.46
CA ARG A 520 13.76 33.88 6.16
C ARG A 520 12.94 34.97 5.42
N ILE A 521 11.60 34.84 5.42
CA ILE A 521 10.68 35.85 4.87
C ILE A 521 10.05 36.58 6.07
N LYS A 522 10.00 37.94 6.03
CA LYS A 522 9.38 38.76 7.09
C LYS A 522 8.52 39.88 6.51
N PHE A 523 7.72 40.50 7.38
CA PHE A 523 6.82 41.58 7.02
C PHE A 523 6.84 42.75 8.08
N SER A 524 6.68 44.01 7.61
CA SER A 524 6.69 45.22 8.44
C SER A 524 5.33 45.90 8.41
N MET B 1 -32.80 -18.26 5.47
CA MET B 1 -31.95 -18.52 6.64
C MET B 1 -31.12 -19.79 6.46
N TRP B 2 -30.86 -20.17 5.18
CA TRP B 2 -30.10 -21.37 4.77
C TRP B 2 -28.77 -21.42 5.51
N GLU B 3 -28.62 -22.42 6.40
CA GLU B 3 -27.45 -22.61 7.27
C GLU B 3 -26.39 -23.50 6.69
N LEU B 4 -25.12 -23.02 6.75
CA LEU B 4 -23.92 -23.73 6.31
C LEU B 4 -22.98 -23.97 7.50
N THR B 5 -22.57 -25.23 7.67
CA THR B 5 -21.62 -25.60 8.69
C THR B 5 -20.31 -25.88 7.96
N ILE B 6 -19.29 -25.02 8.24
CA ILE B 6 -17.95 -25.15 7.70
C ILE B 6 -17.08 -25.80 8.78
N LEU B 7 -16.53 -26.97 8.46
CA LEU B 7 -15.57 -27.72 9.30
C LEU B 7 -14.23 -27.60 8.56
N HIS B 8 -13.15 -27.24 9.27
CA HIS B 8 -11.87 -27.02 8.62
C HIS B 8 -10.63 -27.32 9.47
N THR B 9 -9.58 -27.80 8.80
CA THR B 9 -8.26 -28.09 9.35
C THR B 9 -7.22 -27.31 8.49
N ASN B 10 -6.07 -26.93 9.08
CA ASN B 10 -5.01 -26.25 8.35
C ASN B 10 -3.68 -26.52 8.98
N ASP B 11 -2.71 -26.93 8.16
CA ASP B 11 -1.35 -27.22 8.58
C ASP B 11 -1.32 -28.47 9.50
N VAL B 12 -2.04 -29.55 9.09
CA VAL B 12 -2.08 -30.85 9.77
C VAL B 12 -0.64 -31.39 9.90
N HIS B 13 0.19 -31.12 8.88
CA HIS B 13 1.62 -31.42 8.80
C HIS B 13 2.00 -32.86 9.24
N SER B 14 1.46 -33.85 8.51
CA SER B 14 1.66 -35.29 8.66
C SER B 14 1.24 -35.88 10.03
N ARG B 15 0.38 -35.17 10.80
CA ARG B 15 -0.07 -35.59 12.13
C ARG B 15 -1.27 -36.59 12.05
N LEU B 16 -1.03 -37.73 11.40
CA LEU B 16 -2.03 -38.79 11.14
C LEU B 16 -2.50 -39.50 12.38
N GLU B 17 -1.56 -39.86 13.24
CA GLU B 17 -1.82 -40.52 14.51
C GLU B 17 -2.16 -39.45 15.55
N GLN B 18 -2.85 -39.83 16.66
CA GLN B 18 -3.13 -38.94 17.81
C GLN B 18 -1.78 -38.56 18.46
N THR B 19 -1.64 -37.30 18.89
CA THR B 19 -0.40 -36.70 19.40
C THR B 19 -0.47 -36.27 20.88
N SER B 20 0.63 -35.70 21.39
CA SER B 20 0.70 -35.11 22.72
C SER B 20 0.06 -33.71 22.53
N GLU B 21 -0.22 -32.94 23.58
CA GLU B 21 -0.84 -31.65 23.33
C GLU B 21 0.15 -30.59 22.76
N ASP B 22 1.47 -30.90 22.71
CA ASP B 22 2.50 -30.03 22.09
C ASP B 22 2.71 -30.46 20.60
N SER B 23 1.86 -31.42 20.16
CA SER B 23 1.79 -32.02 18.83
C SER B 23 2.94 -33.01 18.52
N SER B 24 3.71 -33.39 19.57
CA SER B 24 4.77 -34.40 19.43
C SER B 24 4.16 -35.80 19.63
N LYS B 25 4.95 -36.86 19.34
CA LYS B 25 4.56 -38.27 19.48
C LYS B 25 3.77 -38.54 20.72
N CYS B 26 2.74 -39.37 20.58
CA CYS B 26 1.86 -39.77 21.66
C CYS B 26 2.54 -40.83 22.53
N VAL B 27 2.53 -40.62 23.84
CA VAL B 27 3.09 -41.57 24.81
C VAL B 27 1.91 -42.16 25.58
N ASP B 28 1.32 -41.35 26.46
CA ASP B 28 0.16 -41.72 27.27
C ASP B 28 -1.10 -41.55 26.42
N ALA B 29 -1.46 -42.61 25.67
CA ALA B 29 -2.61 -42.68 24.76
C ALA B 29 -3.92 -42.06 25.30
N SER B 30 -4.22 -42.29 26.60
CA SER B 30 -5.40 -41.77 27.30
C SER B 30 -5.44 -40.23 27.44
N ARG B 31 -4.27 -39.55 27.36
CA ARG B 31 -4.16 -38.09 27.47
C ARG B 31 -3.68 -37.45 26.14
N CYS B 32 -3.87 -38.18 25.05
CA CYS B 32 -3.49 -37.78 23.71
C CYS B 32 -4.61 -37.11 22.93
N MET B 33 -4.23 -36.16 22.06
CA MET B 33 -5.14 -35.32 21.26
C MET B 33 -4.96 -35.53 19.77
N GLY B 34 -5.84 -34.94 18.95
CA GLY B 34 -5.73 -35.03 17.49
C GLY B 34 -5.89 -36.43 16.90
N GLY B 35 -5.36 -36.59 15.69
CA GLY B 35 -5.44 -37.81 14.89
C GLY B 35 -6.42 -37.67 13.75
N VAL B 36 -6.45 -38.63 12.81
CA VAL B 36 -7.44 -38.63 11.73
C VAL B 36 -8.65 -39.45 12.16
N ALA B 37 -8.42 -40.53 12.93
CA ALA B 37 -9.45 -41.42 13.44
C ALA B 37 -10.33 -40.73 14.50
N ARG B 38 -9.78 -39.75 15.21
CA ARG B 38 -10.51 -38.97 16.20
C ARG B 38 -11.29 -37.87 15.47
N LEU B 39 -10.68 -37.27 14.42
CA LEU B 39 -11.29 -36.25 13.53
C LEU B 39 -12.54 -36.84 12.84
N PHE B 40 -12.42 -38.09 12.35
CA PHE B 40 -13.50 -38.79 11.68
C PHE B 40 -14.72 -38.93 12.59
N THR B 41 -14.52 -39.25 13.90
CA THR B 41 -15.61 -39.38 14.85
C THR B 41 -16.39 -38.05 14.96
N LYS B 42 -15.70 -36.92 15.24
CA LYS B 42 -16.32 -35.60 15.42
C LYS B 42 -16.99 -35.12 14.17
N VAL B 43 -16.32 -35.27 13.03
CA VAL B 43 -16.87 -34.90 11.71
C VAL B 43 -18.22 -35.65 11.46
N GLN B 44 -18.23 -36.99 11.66
CA GLN B 44 -19.39 -37.86 11.47
CA GLN B 44 -19.41 -37.79 11.42
C GLN B 44 -20.54 -37.43 12.39
N GLN B 45 -20.23 -37.14 13.68
CA GLN B 45 -21.26 -36.70 14.64
C GLN B 45 -21.86 -35.41 14.11
N ILE B 46 -21.01 -34.43 13.66
CA ILE B 46 -21.52 -33.15 13.16
C ILE B 46 -22.42 -33.37 11.94
N ARG B 47 -21.96 -34.15 10.94
CA ARG B 47 -22.71 -34.49 9.71
C ARG B 47 -24.11 -35.05 10.01
N ARG B 48 -24.27 -35.81 11.12
CA ARG B 48 -25.57 -36.37 11.56
C ARG B 48 -26.48 -35.23 11.99
N ALA B 49 -26.04 -34.47 13.01
CA ALA B 49 -26.73 -33.33 13.63
C ALA B 49 -26.97 -32.10 12.71
N GLU B 50 -26.14 -31.88 11.69
CA GLU B 50 -26.24 -30.71 10.80
C GLU B 50 -26.54 -31.09 9.34
N PRO B 51 -27.49 -30.38 8.68
CA PRO B 51 -27.81 -30.74 7.28
C PRO B 51 -26.78 -30.35 6.22
N ASN B 52 -26.23 -29.12 6.27
CA ASN B 52 -25.34 -28.62 5.23
C ASN B 52 -23.90 -28.44 5.69
N VAL B 53 -23.16 -29.55 5.66
CA VAL B 53 -21.78 -29.62 6.14
C VAL B 53 -20.79 -29.74 5.02
N LEU B 54 -19.69 -28.97 5.15
CA LEU B 54 -18.49 -28.93 4.31
C LEU B 54 -17.28 -29.18 5.21
N LEU B 55 -16.37 -30.04 4.76
CA LEU B 55 -15.10 -30.36 5.40
C LEU B 55 -14.01 -29.84 4.45
N LEU B 56 -13.19 -28.90 4.91
CA LEU B 56 -12.16 -28.26 4.10
C LEU B 56 -10.77 -28.32 4.72
N ASP B 57 -9.75 -28.21 3.87
CA ASP B 57 -8.37 -28.15 4.35
C ASP B 57 -7.68 -26.94 3.69
N ALA B 58 -7.05 -26.07 4.50
CA ALA B 58 -6.42 -24.90 3.90
C ALA B 58 -4.95 -25.11 3.57
N GLY B 59 -4.57 -26.37 3.27
CA GLY B 59 -3.21 -26.72 2.87
C GLY B 59 -2.21 -26.98 3.98
N ASP B 60 -1.07 -27.59 3.60
CA ASP B 60 0.03 -28.01 4.44
C ASP B 60 -0.29 -29.33 5.18
N GLN B 61 -0.76 -30.32 4.42
CA GLN B 61 -0.97 -31.65 4.95
C GLN B 61 0.38 -32.38 4.81
N TYR B 62 1.14 -31.97 3.80
CA TYR B 62 2.47 -32.44 3.49
C TYR B 62 3.48 -31.94 4.53
N GLN B 63 4.53 -32.76 4.78
CA GLN B 63 5.72 -32.52 5.63
C GLN B 63 5.44 -32.44 7.15
N GLY B 64 6.29 -33.10 7.93
CA GLY B 64 6.17 -33.05 9.37
C GLY B 64 6.60 -34.25 10.18
N THR B 65 6.11 -35.45 9.81
CA THR B 65 6.40 -36.69 10.56
C THR B 65 6.95 -37.79 9.63
N ILE B 66 7.29 -38.95 10.21
CA ILE B 66 7.80 -40.13 9.48
C ILE B 66 6.76 -40.67 8.46
N TRP B 67 5.48 -40.27 8.64
CA TRP B 67 4.33 -40.60 7.77
C TRP B 67 4.58 -40.08 6.35
N PHE B 68 4.94 -38.79 6.23
CA PHE B 68 5.25 -38.15 4.95
C PHE B 68 6.64 -38.56 4.40
N THR B 69 7.62 -38.78 5.31
CA THR B 69 8.97 -39.21 4.96
C THR B 69 8.90 -40.52 4.14
N VAL B 70 8.07 -41.46 4.59
CA VAL B 70 7.88 -42.77 3.97
C VAL B 70 6.81 -42.76 2.85
N TYR B 71 5.56 -42.39 3.18
CA TYR B 71 4.46 -42.47 2.24
C TYR B 71 4.45 -41.33 1.23
N LYS B 72 5.23 -40.27 1.50
CA LYS B 72 5.45 -39.11 0.60
C LYS B 72 4.18 -38.50 -0.02
N GLY B 73 3.06 -38.45 0.73
CA GLY B 73 1.82 -37.86 0.24
C GLY B 73 0.67 -38.81 0.06
N ALA B 74 0.97 -40.11 -0.21
CA ALA B 74 0.01 -41.20 -0.39
C ALA B 74 -0.91 -41.34 0.83
N GLU B 75 -0.36 -41.08 2.03
CA GLU B 75 -1.06 -41.12 3.30
C GLU B 75 -2.05 -39.95 3.40
N VAL B 76 -1.72 -38.77 2.81
CA VAL B 76 -2.60 -37.61 2.79
C VAL B 76 -3.81 -37.97 1.92
N ALA B 77 -3.55 -38.40 0.67
CA ALA B 77 -4.55 -38.81 -0.33
C ALA B 77 -5.47 -39.91 0.19
N HIS B 78 -4.89 -41.00 0.77
CA HIS B 78 -5.69 -42.09 1.32
C HIS B 78 -6.60 -41.70 2.48
N PHE B 79 -6.05 -41.02 3.49
CA PHE B 79 -6.82 -40.69 4.67
C PHE B 79 -7.77 -39.52 4.46
N MET B 80 -7.41 -38.51 3.62
CA MET B 80 -8.33 -37.39 3.35
C MET B 80 -9.56 -37.85 2.58
N ASN B 81 -9.38 -38.89 1.75
CA ASN B 81 -10.45 -39.55 0.99
C ASN B 81 -11.35 -40.33 1.95
N ALA B 82 -10.76 -41.03 2.96
CA ALA B 82 -11.56 -41.79 3.93
C ALA B 82 -12.45 -40.84 4.73
N LEU B 83 -11.89 -39.71 5.18
CA LEU B 83 -12.59 -38.66 5.93
C LEU B 83 -13.58 -37.90 5.05
N ARG B 84 -13.47 -38.06 3.72
CA ARG B 84 -14.34 -37.50 2.68
C ARG B 84 -14.41 -35.97 2.68
N TYR B 85 -13.24 -35.32 2.70
CA TYR B 85 -13.06 -33.88 2.59
C TYR B 85 -13.74 -33.38 1.30
N ASP B 86 -14.44 -32.25 1.38
CA ASP B 86 -15.13 -31.69 0.24
C ASP B 86 -14.14 -30.92 -0.64
N ALA B 87 -13.23 -30.11 -0.04
CA ALA B 87 -12.18 -29.45 -0.83
C ALA B 87 -10.90 -29.24 -0.04
N MET B 88 -9.82 -28.85 -0.72
CA MET B 88 -8.55 -28.57 -0.07
C MET B 88 -7.79 -27.57 -0.90
N ALA B 89 -7.36 -26.45 -0.29
CA ALA B 89 -6.53 -25.49 -0.99
C ALA B 89 -5.09 -25.94 -0.90
N LEU B 90 -4.27 -25.51 -1.85
CA LEU B 90 -2.85 -25.86 -1.88
C LEU B 90 -2.03 -25.00 -0.94
N GLY B 91 -1.18 -25.67 -0.18
CA GLY B 91 -0.26 -25.09 0.77
C GLY B 91 1.12 -25.16 0.15
N ASN B 92 2.08 -24.40 0.72
CA ASN B 92 3.45 -24.32 0.24
C ASN B 92 4.19 -25.64 0.31
N HIS B 93 3.93 -26.42 1.37
CA HIS B 93 4.58 -27.71 1.60
C HIS B 93 4.14 -28.81 0.63
N GLU B 94 3.03 -28.64 -0.09
CA GLU B 94 2.62 -29.64 -1.07
C GLU B 94 3.58 -29.73 -2.25
N PHE B 95 4.50 -28.74 -2.35
CA PHE B 95 5.53 -28.63 -3.38
C PHE B 95 6.91 -29.03 -2.91
N ASP B 96 7.05 -29.39 -1.60
CA ASP B 96 8.33 -29.78 -0.97
C ASP B 96 9.03 -30.90 -1.71
N ASN B 97 8.25 -31.86 -2.26
CA ASN B 97 8.80 -32.98 -3.01
C ASN B 97 8.72 -32.78 -4.53
N GLY B 98 8.62 -31.51 -4.95
CA GLY B 98 8.52 -31.12 -6.36
C GLY B 98 7.12 -31.26 -6.91
N VAL B 99 6.91 -30.91 -8.19
CA VAL B 99 5.58 -31.03 -8.78
C VAL B 99 5.23 -32.49 -9.04
N GLU B 100 6.22 -33.35 -9.32
CA GLU B 100 6.00 -34.78 -9.51
C GLU B 100 5.64 -35.41 -8.16
N GLY B 101 6.16 -34.82 -7.09
CA GLY B 101 5.88 -35.21 -5.72
C GLY B 101 4.52 -34.74 -5.22
N LEU B 102 3.78 -33.99 -6.08
CA LEU B 102 2.44 -33.47 -5.81
C LEU B 102 1.43 -34.11 -6.77
N ILE B 103 1.83 -34.26 -8.04
CA ILE B 103 0.99 -34.81 -9.09
C ILE B 103 0.73 -36.28 -8.84
N GLU B 104 1.78 -37.12 -8.82
CA GLU B 104 1.68 -38.57 -8.64
C GLU B 104 1.02 -38.98 -7.30
N PRO B 105 1.47 -38.51 -6.10
CA PRO B 105 0.82 -38.96 -4.86
C PRO B 105 -0.53 -38.31 -4.59
N LEU B 106 -0.61 -36.97 -4.59
CA LEU B 106 -1.83 -36.29 -4.18
C LEU B 106 -2.84 -36.00 -5.30
N LEU B 107 -2.52 -35.09 -6.23
CA LEU B 107 -3.43 -34.65 -7.31
C LEU B 107 -4.13 -35.79 -8.07
N LYS B 108 -3.36 -36.85 -8.41
CA LYS B 108 -3.81 -38.02 -9.15
C LYS B 108 -4.62 -39.02 -8.32
N GLU B 109 -4.50 -38.98 -6.97
CA GLU B 109 -5.21 -39.88 -6.05
C GLU B 109 -6.43 -39.25 -5.34
N ALA B 110 -6.34 -37.97 -4.96
CA ALA B 110 -7.40 -37.23 -4.26
C ALA B 110 -8.72 -37.20 -5.02
N LYS B 111 -9.71 -37.91 -4.45
CA LYS B 111 -11.09 -38.10 -4.91
C LYS B 111 -11.96 -36.86 -4.62
N PHE B 112 -11.32 -35.73 -4.31
CA PHE B 112 -11.95 -34.45 -4.01
C PHE B 112 -11.18 -33.33 -4.70
N PRO B 113 -11.83 -32.19 -5.03
CA PRO B 113 -11.08 -31.07 -5.67
C PRO B 113 -9.97 -30.46 -4.83
N ILE B 114 -8.83 -30.18 -5.47
CA ILE B 114 -7.66 -29.52 -4.86
C ILE B 114 -7.55 -28.16 -5.54
N LEU B 115 -7.42 -27.06 -4.79
CA LEU B 115 -7.53 -25.72 -5.38
C LEU B 115 -6.42 -24.70 -5.11
N SER B 116 -6.24 -23.75 -6.06
CA SER B 116 -5.35 -22.59 -6.05
C SER B 116 -5.59 -21.69 -7.23
N ALA B 117 -6.20 -20.51 -7.00
CA ALA B 117 -6.49 -19.55 -8.06
C ALA B 117 -5.32 -18.66 -8.48
N ASN B 118 -4.24 -18.57 -7.67
CA ASN B 118 -3.11 -17.71 -8.05
C ASN B 118 -1.90 -18.49 -8.62
N ILE B 119 -1.89 -19.84 -8.55
CA ILE B 119 -0.82 -20.61 -9.19
C ILE B 119 -1.18 -20.74 -10.67
N LYS B 120 -0.31 -20.23 -11.56
CA LYS B 120 -0.52 -20.27 -13.02
C LYS B 120 0.55 -21.11 -13.70
N ALA B 121 0.11 -22.21 -14.30
CA ALA B 121 0.94 -23.20 -14.97
C ALA B 121 1.41 -22.67 -16.28
N LYS B 122 2.70 -22.91 -16.60
CA LYS B 122 3.27 -22.47 -17.87
C LYS B 122 4.13 -23.55 -18.52
N GLY B 123 4.19 -23.53 -19.84
CA GLY B 123 4.97 -24.47 -20.62
C GLY B 123 4.20 -25.73 -21.00
N PRO B 124 4.88 -26.90 -21.08
CA PRO B 124 4.15 -28.12 -21.45
C PRO B 124 3.45 -28.71 -20.21
N LEU B 125 3.91 -28.29 -19.02
CA LEU B 125 3.41 -28.64 -17.70
C LEU B 125 1.88 -28.43 -17.64
N ALA B 126 1.42 -27.29 -18.18
CA ALA B 126 0.02 -26.88 -18.19
C ALA B 126 -0.92 -28.00 -18.67
N SER B 127 -0.64 -28.60 -19.86
CA SER B 127 -1.47 -29.70 -20.43
C SER B 127 -1.30 -31.04 -19.66
N GLN B 128 -0.21 -31.18 -18.84
CA GLN B 128 -0.02 -32.34 -17.98
C GLN B 128 -0.96 -32.19 -16.74
N ILE B 129 -0.82 -31.04 -16.03
CA ILE B 129 -1.54 -30.64 -14.82
C ILE B 129 -3.00 -30.18 -15.07
N SER B 130 -3.50 -30.30 -16.32
CA SER B 130 -4.86 -29.88 -16.66
C SER B 130 -5.93 -30.53 -15.78
N GLY B 131 -6.55 -29.70 -14.96
CA GLY B 131 -7.64 -30.08 -14.08
C GLY B 131 -7.23 -30.88 -12.86
N LEU B 132 -5.92 -31.03 -12.57
CA LEU B 132 -5.48 -31.78 -11.40
C LEU B 132 -5.71 -30.91 -10.15
N TYR B 133 -5.61 -29.60 -10.39
CA TYR B 133 -5.95 -28.56 -9.44
C TYR B 133 -6.77 -27.54 -10.25
N LEU B 134 -7.65 -26.78 -9.57
CA LEU B 134 -8.52 -25.79 -10.23
C LEU B 134 -8.55 -24.47 -9.44
N PRO B 135 -8.89 -23.30 -10.10
CA PRO B 135 -8.93 -22.03 -9.35
C PRO B 135 -10.07 -22.01 -8.31
N TYR B 136 -11.13 -22.77 -8.60
CA TYR B 136 -12.31 -22.94 -7.77
C TYR B 136 -13.10 -24.20 -8.17
N LYS B 137 -13.99 -24.64 -7.27
CA LYS B 137 -14.94 -25.68 -7.59
C LYS B 137 -16.30 -25.32 -7.00
N VAL B 138 -17.33 -25.34 -7.86
CA VAL B 138 -18.70 -25.04 -7.45
C VAL B 138 -19.30 -26.34 -6.89
N LEU B 139 -19.68 -26.31 -5.61
CA LEU B 139 -20.17 -27.52 -4.95
C LEU B 139 -21.65 -27.51 -4.63
N PRO B 140 -22.32 -28.63 -4.91
CA PRO B 140 -23.74 -28.74 -4.50
C PRO B 140 -23.83 -28.98 -2.98
N VAL B 141 -24.49 -28.07 -2.26
CA VAL B 141 -24.70 -28.15 -0.81
C VAL B 141 -26.21 -28.23 -0.62
N GLY B 142 -26.72 -29.46 -0.59
CA GLY B 142 -28.15 -29.72 -0.46
C GLY B 142 -28.90 -29.23 -1.67
N ASP B 143 -29.85 -28.30 -1.44
CA ASP B 143 -30.68 -27.72 -2.50
C ASP B 143 -30.12 -26.37 -2.98
N GLU B 144 -28.89 -26.08 -2.58
CA GLU B 144 -28.17 -24.85 -2.92
C GLU B 144 -26.77 -25.12 -3.45
N VAL B 145 -26.11 -24.09 -4.00
CA VAL B 145 -24.77 -24.26 -4.55
C VAL B 145 -23.73 -23.33 -3.84
N VAL B 146 -22.51 -23.86 -3.53
CA VAL B 146 -21.44 -23.10 -2.87
C VAL B 146 -20.12 -23.16 -3.65
N GLY B 147 -19.65 -21.99 -4.05
CA GLY B 147 -18.39 -21.83 -4.76
C GLY B 147 -17.25 -21.57 -3.79
N ILE B 148 -16.12 -22.23 -4.04
CA ILE B 148 -14.91 -22.12 -3.22
C ILE B 148 -13.71 -21.87 -4.12
N VAL B 149 -13.11 -20.65 -4.01
CA VAL B 149 -11.91 -20.18 -4.72
C VAL B 149 -10.68 -20.41 -3.83
N GLY B 150 -9.67 -21.08 -4.35
CA GLY B 150 -8.44 -21.37 -3.64
C GLY B 150 -7.33 -20.35 -3.82
N TYR B 151 -6.30 -20.41 -2.97
CA TYR B 151 -5.15 -19.51 -3.04
C TYR B 151 -3.96 -20.05 -2.24
N THR B 152 -2.74 -19.82 -2.76
CA THR B 152 -1.47 -20.31 -2.18
C THR B 152 -0.51 -19.12 -2.01
N SER B 153 0.27 -19.08 -0.89
CA SER B 153 1.25 -18.03 -0.59
C SER B 153 2.21 -17.72 -1.76
N LYS B 154 2.31 -16.41 -2.09
CA LYS B 154 3.21 -15.85 -3.13
C LYS B 154 4.63 -16.33 -2.90
N GLU B 155 4.92 -16.63 -1.59
CA GLU B 155 6.20 -17.03 -1.01
C GLU B 155 6.57 -18.53 -1.18
N THR B 156 5.73 -19.36 -1.81
CA THR B 156 6.00 -20.80 -1.99
C THR B 156 7.38 -21.05 -2.71
N PRO B 157 7.79 -20.35 -3.80
CA PRO B 157 9.13 -20.64 -4.39
C PRO B 157 10.35 -20.33 -3.52
N PHE B 158 10.15 -19.62 -2.39
CA PHE B 158 11.22 -19.23 -1.47
C PHE B 158 11.15 -20.02 -0.17
N LEU B 159 10.13 -20.90 -0.06
CA LEU B 159 9.85 -21.76 1.09
C LEU B 159 9.86 -23.24 0.72
N SER B 160 9.60 -23.55 -0.56
CA SER B 160 9.50 -24.91 -1.09
C SER B 160 10.14 -25.03 -2.49
N ASN B 161 9.92 -26.19 -3.18
CA ASN B 161 10.45 -26.52 -4.52
C ASN B 161 9.32 -26.61 -5.58
N PRO B 162 8.59 -25.53 -5.94
CA PRO B 162 7.52 -25.69 -6.93
C PRO B 162 7.98 -25.69 -8.39
N GLY B 163 9.27 -25.57 -8.58
CA GLY B 163 9.88 -25.56 -9.90
C GLY B 163 9.84 -24.20 -10.56
N THR B 164 10.46 -24.14 -11.76
CA THR B 164 10.60 -22.94 -12.57
C THR B 164 9.43 -22.71 -13.55
N ASN B 165 8.32 -23.51 -13.48
CA ASN B 165 7.22 -23.34 -14.44
C ASN B 165 5.82 -23.18 -13.81
N LEU B 166 5.78 -22.67 -12.59
CA LEU B 166 4.54 -22.33 -11.91
C LEU B 166 4.70 -20.90 -11.48
N VAL B 167 3.78 -20.06 -11.90
CA VAL B 167 3.82 -18.65 -11.56
C VAL B 167 2.90 -18.36 -10.37
N PHE B 168 3.47 -17.85 -9.29
CA PHE B 168 2.73 -17.51 -8.09
C PHE B 168 2.34 -16.03 -8.11
N GLU B 169 1.10 -15.76 -8.53
CA GLU B 169 0.48 -14.43 -8.61
C GLU B 169 0.12 -13.87 -7.23
N ASP B 170 -0.12 -12.54 -7.15
CA ASP B 170 -0.59 -11.87 -5.96
C ASP B 170 -2.02 -12.37 -5.83
N GLU B 171 -2.38 -12.81 -4.63
CA GLU B 171 -3.67 -13.40 -4.28
C GLU B 171 -4.89 -12.54 -4.65
N ILE B 172 -4.98 -11.30 -4.15
CA ILE B 172 -6.10 -10.41 -4.42
C ILE B 172 -6.32 -10.20 -5.94
N THR B 173 -5.23 -9.95 -6.66
CA THR B 173 -5.25 -9.73 -8.11
C THR B 173 -5.73 -10.97 -8.85
N ALA B 174 -5.26 -12.14 -8.41
CA ALA B 174 -5.65 -13.37 -9.07
C ALA B 174 -7.04 -13.91 -8.64
N LEU B 175 -7.51 -13.48 -7.44
CA LEU B 175 -8.77 -13.95 -6.89
C LEU B 175 -9.99 -13.21 -7.42
N GLN B 176 -10.03 -11.86 -7.33
CA GLN B 176 -11.16 -11.02 -7.78
C GLN B 176 -11.76 -11.41 -9.15
N PRO B 177 -10.99 -11.76 -10.22
CA PRO B 177 -11.66 -12.15 -11.48
C PRO B 177 -12.44 -13.47 -11.36
N GLU B 178 -11.84 -14.50 -10.70
CA GLU B 178 -12.46 -15.82 -10.54
C GLU B 178 -13.76 -15.74 -9.74
N VAL B 179 -13.79 -14.82 -8.76
CA VAL B 179 -14.94 -14.54 -7.93
C VAL B 179 -16.05 -13.91 -8.80
N ASP B 180 -15.67 -12.96 -9.68
CA ASP B 180 -16.60 -12.30 -10.60
C ASP B 180 -17.20 -13.27 -11.66
N LYS B 181 -16.41 -14.30 -12.08
CA LYS B 181 -16.80 -15.37 -13.01
C LYS B 181 -17.87 -16.24 -12.32
N LEU B 182 -17.62 -16.61 -11.06
CA LEU B 182 -18.55 -17.38 -10.23
C LEU B 182 -19.82 -16.56 -10.05
N LYS B 183 -19.66 -15.23 -9.85
CA LYS B 183 -20.77 -14.29 -9.68
C LYS B 183 -21.69 -14.29 -10.90
N THR B 184 -21.09 -14.25 -12.11
CA THR B 184 -21.81 -14.25 -13.39
C THR B 184 -22.34 -15.66 -13.76
N LEU B 185 -22.08 -16.66 -12.90
CA LEU B 185 -22.57 -18.04 -13.02
C LEU B 185 -23.66 -18.20 -11.97
N ASN B 186 -23.98 -17.09 -11.27
CA ASN B 186 -24.98 -16.96 -10.21
C ASN B 186 -24.64 -17.82 -9.01
N VAL B 187 -23.38 -17.72 -8.56
CA VAL B 187 -22.89 -18.40 -7.36
C VAL B 187 -22.83 -17.30 -6.31
N ASN B 188 -23.88 -17.25 -5.49
CA ASN B 188 -24.13 -16.27 -4.45
C ASN B 188 -23.41 -16.55 -3.12
N LYS B 189 -22.97 -17.80 -2.89
CA LYS B 189 -22.27 -18.20 -1.67
C LYS B 189 -20.83 -18.60 -1.97
N ILE B 190 -19.91 -17.64 -1.76
CA ILE B 190 -18.50 -17.77 -2.06
C ILE B 190 -17.60 -17.84 -0.81
N ILE B 191 -16.81 -18.92 -0.73
CA ILE B 191 -15.83 -19.11 0.35
C ILE B 191 -14.44 -19.03 -0.29
N ALA B 192 -13.55 -18.24 0.33
CA ALA B 192 -12.15 -18.18 -0.11
C ALA B 192 -11.42 -19.14 0.82
N LEU B 193 -10.72 -20.13 0.25
CA LEU B 193 -9.97 -21.14 1.01
C LEU B 193 -8.50 -21.13 0.57
N GLY B 194 -7.57 -20.80 1.46
CA GLY B 194 -6.18 -20.77 1.06
C GLY B 194 -5.12 -20.75 2.13
N HIS B 195 -3.86 -20.80 1.67
CA HIS B 195 -2.65 -20.92 2.47
C HIS B 195 -1.69 -19.75 2.33
N SER B 196 -2.01 -18.63 2.97
CA SER B 196 -1.18 -17.44 2.91
C SER B 196 -0.95 -16.75 4.26
N GLY B 197 -1.70 -17.14 5.28
CA GLY B 197 -1.59 -16.58 6.62
C GLY B 197 -2.69 -15.60 6.99
N PHE B 198 -2.93 -15.44 8.29
CA PHE B 198 -4.01 -14.60 8.86
C PHE B 198 -4.05 -13.15 8.36
N GLU B 199 -2.89 -12.53 8.24
CA GLU B 199 -2.75 -11.14 7.76
C GLU B 199 -3.12 -11.01 6.27
N MET B 200 -2.92 -12.08 5.49
CA MET B 200 -3.29 -12.10 4.08
C MET B 200 -4.80 -12.34 4.00
N ASP B 201 -5.28 -13.32 4.82
CA ASP B 201 -6.67 -13.72 4.95
C ASP B 201 -7.53 -12.50 5.31
N LYS B 202 -7.04 -11.63 6.21
CA LYS B 202 -7.73 -10.39 6.62
C LYS B 202 -7.90 -9.44 5.42
N LEU B 203 -6.89 -9.36 4.52
CA LEU B 203 -6.99 -8.52 3.33
C LEU B 203 -7.83 -9.15 2.22
N ILE B 204 -7.77 -10.49 2.08
CA ILE B 204 -8.59 -11.17 1.08
C ILE B 204 -10.05 -10.81 1.39
N ALA B 205 -10.43 -10.89 2.68
CA ALA B 205 -11.76 -10.51 3.20
C ALA B 205 -12.09 -9.03 2.97
N GLN B 206 -11.10 -8.15 3.19
CA GLN B 206 -11.25 -6.71 3.05
C GLN B 206 -11.41 -6.22 1.63
N LYS B 207 -10.56 -6.73 0.70
CA LYS B 207 -10.42 -6.28 -0.68
C LYS B 207 -11.15 -7.07 -1.74
N VAL B 208 -11.09 -8.43 -1.68
CA VAL B 208 -11.75 -9.31 -2.68
C VAL B 208 -13.27 -9.31 -2.47
N ARG B 209 -13.96 -8.50 -3.28
CA ARG B 209 -15.40 -8.31 -3.28
C ARG B 209 -16.11 -9.59 -3.71
N GLY B 210 -17.16 -9.96 -3.00
CA GLY B 210 -17.96 -11.13 -3.28
C GLY B 210 -17.69 -12.30 -2.34
N VAL B 211 -16.56 -12.19 -1.58
CA VAL B 211 -16.16 -13.23 -0.62
C VAL B 211 -17.06 -13.14 0.61
N ASP B 212 -17.73 -14.24 0.92
CA ASP B 212 -18.61 -14.27 2.08
C ASP B 212 -17.88 -14.69 3.35
N VAL B 213 -16.92 -15.64 3.24
CA VAL B 213 -16.13 -16.23 4.35
C VAL B 213 -14.75 -16.55 3.84
N VAL B 214 -13.71 -16.28 4.66
CA VAL B 214 -12.30 -16.60 4.37
C VAL B 214 -11.84 -17.68 5.35
N VAL B 215 -11.44 -18.81 4.81
CA VAL B 215 -10.90 -19.92 5.57
C VAL B 215 -9.40 -19.95 5.25
N GLY B 216 -8.57 -20.03 6.29
CA GLY B 216 -7.13 -19.97 6.10
C GLY B 216 -6.29 -20.93 6.90
N GLY B 217 -4.98 -20.65 6.89
CA GLY B 217 -3.94 -21.44 7.51
C GLY B 217 -2.61 -20.76 7.30
N HIS B 218 -1.52 -21.56 7.23
CA HIS B 218 -0.11 -21.13 7.02
C HIS B 218 0.53 -20.51 8.25
N SER B 219 -0.11 -19.48 8.80
CA SER B 219 0.31 -18.75 10.00
C SER B 219 -0.01 -19.47 11.35
N ASN B 220 -0.51 -20.74 11.31
CA ASN B 220 -0.89 -21.57 12.47
C ASN B 220 -1.59 -20.73 13.52
N THR B 221 -2.65 -20.03 13.09
CA THR B 221 -3.37 -19.08 13.92
C THR B 221 -4.49 -19.79 14.66
N PHE B 222 -4.51 -19.58 15.95
CA PHE B 222 -5.55 -20.10 16.80
C PHE B 222 -6.41 -18.91 17.17
N LEU B 223 -7.71 -19.00 16.83
CA LEU B 223 -8.74 -17.99 17.12
C LEU B 223 -9.77 -18.66 18.01
N TYR B 224 -10.24 -17.95 19.05
CA TYR B 224 -11.24 -18.48 20.00
C TYR B 224 -12.05 -17.38 20.67
N THR B 225 -13.36 -17.65 20.86
CA THR B 225 -14.29 -16.77 21.56
C THR B 225 -14.61 -17.37 22.95
N GLY B 226 -13.98 -16.85 23.99
CA GLY B 226 -14.21 -17.30 25.37
C GLY B 226 -13.00 -17.85 26.09
N ASN B 227 -13.20 -18.89 26.92
CA ASN B 227 -12.10 -19.51 27.67
C ASN B 227 -11.50 -20.70 26.92
N PRO B 228 -10.25 -20.53 26.37
CA PRO B 228 -9.64 -21.60 25.55
C PRO B 228 -9.56 -22.97 26.21
N PRO B 229 -9.66 -24.07 25.44
CA PRO B 229 -9.60 -25.40 26.06
C PRO B 229 -8.19 -25.93 26.37
N SER B 230 -7.13 -25.37 25.75
CA SER B 230 -5.75 -25.84 25.97
C SER B 230 -4.74 -24.69 26.28
N LYS B 231 -3.43 -24.89 25.95
CA LYS B 231 -2.32 -23.95 26.19
C LYS B 231 -2.19 -22.83 25.14
N GLU B 232 -2.96 -22.90 24.02
CA GLU B 232 -2.90 -21.90 22.95
C GLU B 232 -3.67 -20.65 23.32
N VAL B 233 -2.98 -19.52 23.32
CA VAL B 233 -3.54 -18.21 23.59
C VAL B 233 -4.05 -17.70 22.23
N PRO B 234 -5.30 -17.21 22.15
CA PRO B 234 -5.82 -16.79 20.83
C PRO B 234 -5.31 -15.42 20.39
N ALA B 235 -5.14 -15.26 19.08
CA ALA B 235 -4.74 -13.98 18.47
C ALA B 235 -5.97 -13.06 18.44
N GLY B 236 -7.16 -13.65 18.32
CA GLY B 236 -8.43 -12.94 18.33
C GLY B 236 -9.62 -13.87 18.44
N LYS B 237 -10.84 -13.27 18.39
CA LYS B 237 -12.14 -13.95 18.43
C LYS B 237 -12.36 -14.85 17.21
N TYR B 238 -13.11 -15.95 17.39
CA TYR B 238 -13.47 -16.86 16.31
C TYR B 238 -14.98 -16.71 16.05
N PRO B 239 -15.38 -16.29 14.83
CA PRO B 239 -14.51 -15.90 13.71
C PRO B 239 -13.97 -14.46 13.88
N PHE B 240 -12.97 -14.07 13.08
CA PHE B 240 -12.44 -12.72 13.10
C PHE B 240 -13.23 -11.94 12.06
N ILE B 241 -13.95 -10.90 12.49
CA ILE B 241 -14.81 -10.11 11.62
C ILE B 241 -14.05 -8.97 10.98
N VAL B 242 -14.01 -9.00 9.63
CA VAL B 242 -13.36 -7.99 8.81
C VAL B 242 -14.44 -7.14 8.13
N THR B 243 -14.46 -5.83 8.41
CA THR B 243 -15.40 -4.90 7.78
C THR B 243 -14.79 -4.55 6.42
N SER B 244 -15.18 -5.31 5.38
CA SER B 244 -14.73 -5.17 3.99
C SER B 244 -15.03 -3.79 3.39
N ASP B 245 -14.24 -3.41 2.36
CA ASP B 245 -14.33 -2.13 1.65
C ASP B 245 -15.67 -1.91 0.89
N ASP B 246 -16.47 -2.99 0.69
CA ASP B 246 -17.78 -2.91 0.02
C ASP B 246 -18.98 -2.80 1.01
N GLY B 247 -18.70 -2.82 2.31
CA GLY B 247 -19.68 -2.64 3.39
C GLY B 247 -20.18 -3.86 4.14
N ARG B 248 -19.59 -5.04 3.91
CA ARG B 248 -20.03 -6.26 4.60
C ARG B 248 -19.07 -6.67 5.70
N LYS B 249 -19.55 -7.55 6.60
CA LYS B 249 -18.78 -8.12 7.70
C LYS B 249 -18.37 -9.53 7.23
N VAL B 250 -17.07 -9.72 6.96
CA VAL B 250 -16.55 -10.99 6.45
C VAL B 250 -15.88 -11.83 7.53
N PRO B 251 -16.50 -12.97 7.93
CA PRO B 251 -15.85 -13.86 8.93
C PRO B 251 -14.57 -14.52 8.39
N VAL B 252 -13.49 -14.43 9.17
CA VAL B 252 -12.17 -14.99 8.88
C VAL B 252 -11.88 -16.05 9.95
N VAL B 253 -11.59 -17.30 9.53
CA VAL B 253 -11.30 -18.41 10.45
C VAL B 253 -9.93 -19.05 10.19
N GLN B 254 -9.41 -19.79 11.20
CA GLN B 254 -8.16 -20.58 11.23
C GLN B 254 -8.26 -21.54 12.41
N ALA B 255 -7.76 -22.80 12.26
CA ALA B 255 -7.87 -23.88 13.25
C ALA B 255 -6.54 -24.29 13.88
N TYR B 256 -5.68 -23.30 14.24
CA TYR B 256 -4.35 -23.48 14.81
C TYR B 256 -3.51 -24.31 13.84
N ALA B 257 -3.30 -25.62 14.10
CA ALA B 257 -2.55 -26.58 13.27
C ALA B 257 -2.41 -27.97 13.91
N PHE B 258 -1.71 -28.84 13.16
CA PHE B 258 -1.35 -30.22 13.49
C PHE B 258 -2.53 -31.11 13.79
N GLY B 259 -3.71 -30.73 13.30
CA GLY B 259 -4.95 -31.45 13.52
C GLY B 259 -5.40 -31.56 14.98
N LYS B 260 -4.95 -30.62 15.84
CA LYS B 260 -5.31 -30.58 17.27
C LYS B 260 -6.74 -30.13 17.49
N TYR B 261 -7.21 -29.16 16.70
CA TYR B 261 -8.56 -28.58 16.74
C TYR B 261 -9.30 -28.75 15.41
N LEU B 262 -10.63 -28.93 15.46
CA LEU B 262 -11.42 -28.95 14.24
C LEU B 262 -12.21 -27.64 14.22
N GLY B 263 -11.95 -26.80 13.22
CA GLY B 263 -12.63 -25.53 13.04
C GLY B 263 -14.13 -25.76 12.83
N TYR B 264 -14.97 -24.90 13.42
CA TYR B 264 -16.42 -25.06 13.33
C TYR B 264 -17.08 -23.71 13.23
N LEU B 265 -17.67 -23.41 12.07
CA LEU B 265 -18.35 -22.14 11.87
C LEU B 265 -19.77 -22.28 11.25
N LYS B 266 -20.80 -21.98 12.05
CA LYS B 266 -22.19 -21.97 11.59
C LYS B 266 -22.47 -20.61 10.93
N ILE B 267 -22.99 -20.63 9.66
CA ILE B 267 -23.30 -19.44 8.85
C ILE B 267 -24.76 -19.33 8.41
N GLU B 268 -25.41 -18.21 8.75
CA GLU B 268 -26.78 -17.95 8.31
C GLU B 268 -26.68 -17.12 7.06
N PHE B 269 -27.32 -17.60 6.00
CA PHE B 269 -27.36 -16.97 4.68
C PHE B 269 -28.79 -16.60 4.29
N ASP B 270 -28.95 -15.48 3.57
CA ASP B 270 -30.24 -15.08 3.03
C ASP B 270 -30.41 -15.71 1.63
N GLU B 271 -31.58 -15.49 1.01
CA GLU B 271 -31.95 -15.95 -0.34
C GLU B 271 -30.96 -15.43 -1.40
N ARG B 272 -30.35 -14.27 -1.10
CA ARG B 272 -29.41 -13.59 -1.98
C ARG B 272 -27.98 -14.08 -1.86
N GLY B 273 -27.71 -14.91 -0.85
CA GLY B 273 -26.39 -15.47 -0.62
C GLY B 273 -25.44 -14.56 0.14
N ASN B 274 -25.96 -13.92 1.20
CA ASN B 274 -25.19 -13.06 2.10
C ASN B 274 -25.21 -13.60 3.52
N VAL B 275 -24.17 -13.27 4.30
CA VAL B 275 -24.03 -13.67 5.70
C VAL B 275 -24.88 -12.75 6.58
N ILE B 276 -25.68 -13.36 7.49
CA ILE B 276 -26.54 -12.69 8.46
C ILE B 276 -25.95 -12.95 9.85
N SER B 277 -25.56 -14.21 10.09
CA SER B 277 -24.97 -14.68 11.34
C SER B 277 -23.76 -15.53 11.02
N SER B 278 -22.71 -15.38 11.83
CA SER B 278 -21.46 -16.11 11.71
C SER B 278 -20.92 -16.38 13.10
N HIS B 279 -21.20 -17.59 13.62
CA HIS B 279 -20.75 -17.97 14.95
C HIS B 279 -20.22 -19.40 15.01
N GLY B 280 -19.38 -19.66 15.99
CA GLY B 280 -18.77 -20.96 16.23
C GLY B 280 -17.54 -20.84 17.11
N ASN B 281 -16.69 -21.87 17.04
CA ASN B 281 -15.41 -21.98 17.75
C ASN B 281 -14.70 -23.30 17.35
N PRO B 282 -13.34 -23.37 17.43
CA PRO B 282 -12.66 -24.64 17.11
C PRO B 282 -12.87 -25.69 18.20
N ILE B 283 -13.23 -26.90 17.80
CA ILE B 283 -13.45 -28.03 18.72
C ILE B 283 -12.10 -28.64 19.03
N LEU B 284 -11.72 -28.73 20.30
CA LEU B 284 -10.45 -29.38 20.65
C LEU B 284 -10.64 -30.90 20.55
N LEU B 285 -9.91 -31.52 19.61
CA LEU B 285 -9.98 -32.96 19.37
C LEU B 285 -9.15 -33.69 20.40
N ASP B 286 -9.82 -34.30 21.40
CA ASP B 286 -9.16 -34.94 22.56
C ASP B 286 -9.71 -36.32 22.93
N SER B 287 -9.19 -36.88 24.05
CA SER B 287 -9.60 -38.17 24.63
C SER B 287 -11.12 -38.33 24.75
N SER B 288 -11.83 -37.23 25.10
CA SER B 288 -13.29 -37.19 25.28
C SER B 288 -14.07 -37.44 23.97
N ILE B 289 -13.38 -37.74 22.85
CA ILE B 289 -13.93 -38.08 21.52
C ILE B 289 -13.13 -39.31 21.07
N PRO B 290 -13.76 -40.50 21.01
CA PRO B 290 -13.00 -41.71 20.66
C PRO B 290 -12.50 -41.71 19.22
N GLU B 291 -11.49 -42.53 18.94
CA GLU B 291 -10.94 -42.70 17.60
C GLU B 291 -11.83 -43.75 16.95
N ASP B 292 -12.29 -43.50 15.70
CA ASP B 292 -13.15 -44.42 14.95
C ASP B 292 -12.40 -45.73 14.78
N PRO B 293 -13.02 -46.89 15.09
CA PRO B 293 -12.28 -48.16 14.99
C PRO B 293 -11.76 -48.49 13.61
N SER B 294 -12.54 -48.25 12.53
CA SER B 294 -12.16 -48.58 11.15
C SER B 294 -10.98 -47.76 10.63
N ILE B 295 -10.96 -46.44 10.91
CA ILE B 295 -9.87 -45.54 10.54
C ILE B 295 -8.63 -45.90 11.35
N LYS B 296 -8.78 -46.10 12.69
CA LYS B 296 -7.67 -46.49 13.59
C LYS B 296 -7.02 -47.81 13.15
N ALA B 297 -7.85 -48.81 12.79
CA ALA B 297 -7.41 -50.12 12.30
C ALA B 297 -6.57 -49.98 11.02
N ASP B 298 -7.02 -49.06 10.12
CA ASP B 298 -6.41 -48.74 8.84
C ASP B 298 -5.11 -47.99 9.05
N ILE B 299 -5.08 -47.07 10.04
CA ILE B 299 -3.90 -46.28 10.45
C ILE B 299 -2.80 -47.24 10.92
N ASN B 300 -3.22 -48.31 11.62
CA ASN B 300 -2.35 -49.36 12.14
C ASN B 300 -1.73 -50.18 10.99
N LYS B 301 -2.47 -50.40 9.88
CA LYS B 301 -1.98 -51.12 8.69
C LYS B 301 -0.81 -50.33 8.03
N TRP B 302 -0.94 -49.00 7.97
CA TRP B 302 0.06 -48.10 7.40
C TRP B 302 1.26 -47.88 8.35
N ARG B 303 1.09 -48.19 9.65
CA ARG B 303 2.11 -48.02 10.67
C ARG B 303 3.20 -49.15 10.65
N ILE B 304 2.97 -50.25 9.92
CA ILE B 304 3.95 -51.35 9.83
C ILE B 304 5.25 -50.89 9.14
N LYS B 305 5.13 -50.11 8.04
CA LYS B 305 6.28 -49.55 7.31
C LYS B 305 7.08 -48.57 8.18
N LEU B 306 6.40 -47.77 9.00
CA LEU B 306 7.01 -46.79 9.90
C LEU B 306 7.69 -47.38 11.13
N ASP B 307 7.29 -48.59 11.56
CA ASP B 307 7.82 -49.26 12.77
C ASP B 307 9.34 -49.46 12.78
N ASP B 308 9.94 -49.69 11.58
CA ASP B 308 11.38 -49.93 11.43
C ASP B 308 12.21 -48.61 11.32
N TYR B 309 11.92 -47.63 12.22
CA TYR B 309 12.59 -46.31 12.35
C TYR B 309 12.73 -45.97 13.84
N SER B 310 11.63 -46.03 14.61
CA SER B 310 11.59 -45.80 16.05
C SER B 310 12.30 -46.94 16.83
N THR B 311 12.62 -48.05 16.12
CA THR B 311 13.30 -49.25 16.63
C THR B 311 14.54 -48.91 17.48
N GLN B 312 15.47 -48.08 16.96
CA GLN B 312 16.68 -47.75 17.71
C GLN B 312 16.66 -46.36 18.33
N GLU B 313 17.08 -46.31 19.61
CA GLU B 313 17.21 -45.15 20.49
C GLU B 313 18.60 -44.54 20.26
N LEU B 314 18.63 -43.24 19.92
CA LEU B 314 19.88 -42.53 19.66
C LEU B 314 20.37 -41.77 20.88
N GLY B 315 19.62 -41.84 21.98
CA GLY B 315 19.96 -41.18 23.22
C GLY B 315 18.77 -40.86 24.08
N LYS B 316 19.03 -40.20 25.23
CA LYS B 316 18.02 -39.81 26.21
C LYS B 316 18.18 -38.36 26.62
N THR B 317 17.05 -37.64 26.82
CA THR B 317 17.05 -36.25 27.30
C THR B 317 16.43 -36.20 28.70
N ILE B 318 17.13 -35.58 29.65
CA ILE B 318 16.63 -35.44 31.02
C ILE B 318 15.72 -34.21 31.14
N VAL B 319 15.71 -33.38 30.09
CA VAL B 319 14.94 -32.14 30.02
C VAL B 319 13.95 -32.19 28.86
N TYR B 320 12.94 -31.33 28.89
CA TYR B 320 11.98 -31.27 27.82
C TYR B 320 12.60 -30.47 26.66
N LEU B 321 12.80 -31.12 25.51
CA LEU B 321 13.38 -30.47 24.35
C LEU B 321 12.30 -29.62 23.67
N ASP B 322 12.15 -28.35 24.12
CA ASP B 322 11.14 -27.43 23.58
C ASP B 322 11.53 -26.95 22.18
N GLY B 323 10.88 -27.57 21.20
CA GLY B 323 10.99 -27.26 19.78
C GLY B 323 9.71 -26.66 19.25
N SER B 324 8.91 -26.05 20.16
CA SER B 324 7.63 -25.41 19.87
C SER B 324 7.82 -24.10 19.13
N SER B 325 6.88 -23.75 18.24
CA SER B 325 6.92 -22.51 17.46
C SER B 325 6.71 -21.28 18.35
N GLN B 326 5.98 -21.46 19.43
CA GLN B 326 5.60 -20.43 20.39
C GLN B 326 6.77 -19.98 21.26
N SER B 327 7.81 -20.83 21.32
CA SER B 327 9.06 -20.59 22.02
C SER B 327 10.18 -20.24 21.01
N CYS B 328 10.52 -21.17 20.08
CA CYS B 328 11.57 -21.05 19.09
C CYS B 328 11.42 -19.89 18.09
N ARG B 329 10.26 -19.22 18.05
CA ARG B 329 10.11 -18.11 17.11
C ARG B 329 9.96 -16.78 17.80
N PHE B 330 9.93 -16.79 19.14
CA PHE B 330 9.78 -15.57 19.94
C PHE B 330 10.98 -15.27 20.84
N ARG B 331 11.72 -16.29 21.25
CA ARG B 331 12.82 -16.13 22.17
C ARG B 331 13.71 -17.34 22.10
N GLU B 332 14.77 -17.38 22.93
CA GLU B 332 15.71 -18.48 23.06
C GLU B 332 14.98 -19.79 23.42
N CYS B 333 15.21 -20.86 22.65
CA CYS B 333 14.60 -22.16 22.90
C CYS B 333 15.65 -23.24 22.96
N ASN B 334 15.58 -24.12 23.97
CA ASN B 334 16.58 -25.17 24.21
C ASN B 334 16.78 -26.13 23.03
N MET B 335 15.79 -26.29 22.11
CA MET B 335 15.98 -27.13 20.93
C MET B 335 16.93 -26.42 19.95
N GLY B 336 16.84 -25.09 19.89
CA GLY B 336 17.70 -24.28 19.04
C GLY B 336 19.15 -24.43 19.46
N ASN B 337 19.37 -24.25 20.78
CA ASN B 337 20.66 -24.38 21.44
C ASN B 337 21.19 -25.77 21.19
N LEU B 338 20.38 -26.84 21.47
CA LEU B 338 20.80 -28.21 21.23
C LEU B 338 21.30 -28.42 19.80
N ILE B 339 20.44 -28.07 18.79
CA ILE B 339 20.80 -28.22 17.37
C ILE B 339 22.08 -27.42 17.05
N CYS B 340 22.12 -26.09 17.35
CA CYS B 340 23.29 -25.25 17.10
C CYS B 340 24.57 -25.80 17.74
N ASP B 341 24.46 -26.45 18.91
CA ASP B 341 25.60 -27.06 19.58
C ASP B 341 26.09 -28.28 18.84
N ALA B 342 25.17 -29.09 18.29
CA ALA B 342 25.45 -30.31 17.52
C ALA B 342 26.17 -29.99 16.20
N MET B 343 25.86 -28.81 15.62
CA MET B 343 26.43 -28.33 14.36
C MET B 343 27.88 -27.93 14.57
N ILE B 344 28.12 -27.11 15.63
CA ILE B 344 29.45 -26.66 16.01
C ILE B 344 30.27 -27.89 16.39
N ASN B 345 29.71 -28.79 17.25
CA ASN B 345 30.36 -30.03 17.67
C ASN B 345 30.71 -30.93 16.49
N ASN B 346 29.91 -30.87 15.41
CA ASN B 346 30.13 -31.66 14.20
C ASN B 346 31.43 -31.20 13.52
N ASN B 347 31.54 -29.87 13.38
CA ASN B 347 32.64 -29.21 12.71
C ASN B 347 33.92 -29.24 13.51
N LEU B 348 33.84 -28.84 14.79
CA LEU B 348 35.00 -28.76 15.69
C LEU B 348 35.54 -30.11 16.12
N ARG B 349 34.83 -31.22 15.81
CA ARG B 349 35.36 -32.56 16.09
C ARG B 349 36.46 -32.84 15.05
N HIS B 350 36.26 -32.36 13.79
CA HIS B 350 37.22 -32.51 12.69
C HIS B 350 37.70 -31.10 12.22
N ALA B 351 38.54 -30.43 13.04
CA ALA B 351 39.04 -29.07 12.74
C ALA B 351 40.41 -28.78 13.35
N PHE B 355 43.68 -21.34 14.41
CA PHE B 355 42.68 -20.28 14.35
C PHE B 355 41.68 -20.52 13.23
N TRP B 356 42.18 -20.72 11.99
CA TRP B 356 41.33 -20.98 10.82
C TRP B 356 40.89 -22.45 10.77
N ASN B 357 39.76 -22.71 10.06
CA ASN B 357 39.04 -24.00 9.94
C ASN B 357 38.14 -24.25 11.17
N HIS B 358 38.38 -23.50 12.28
CA HIS B 358 37.62 -23.51 13.53
C HIS B 358 36.38 -22.65 13.35
N VAL B 359 35.21 -23.17 13.79
CA VAL B 359 33.93 -22.45 13.75
C VAL B 359 33.39 -22.26 15.16
N SER B 360 32.97 -21.03 15.45
CA SER B 360 32.49 -20.72 16.79
C SER B 360 31.09 -20.13 16.75
N MET B 361 30.55 -20.00 15.55
CA MET B 361 29.23 -19.39 15.40
C MET B 361 28.25 -20.25 14.60
N CYS B 362 26.97 -20.14 14.97
CA CYS B 362 25.85 -20.88 14.39
C CYS B 362 24.59 -20.05 14.43
N ILE B 363 23.90 -19.93 13.30
CA ILE B 363 22.59 -19.26 13.23
C ILE B 363 21.63 -20.24 12.62
N LEU B 364 20.34 -20.15 13.02
CA LEU B 364 19.31 -21.08 12.63
C LEU B 364 17.95 -20.46 12.80
N ASN B 365 17.19 -20.36 11.68
CA ASN B 365 15.83 -19.85 11.62
C ASN B 365 14.92 -20.78 12.46
N GLY B 366 14.26 -20.18 13.46
CA GLY B 366 13.35 -20.84 14.40
C GLY B 366 12.21 -21.61 13.76
N GLY B 367 11.73 -21.12 12.63
CA GLY B 367 10.69 -21.78 11.85
C GLY B 367 11.11 -23.13 11.29
N GLY B 368 12.43 -23.35 11.22
CA GLY B 368 13.02 -24.60 10.74
C GLY B 368 12.93 -25.70 11.77
N ILE B 369 12.65 -25.32 13.05
CA ILE B 369 12.44 -26.21 14.20
C ILE B 369 10.93 -26.56 14.17
N ARG B 370 10.64 -27.77 13.66
CA ARG B 370 9.29 -28.18 13.34
C ARG B 370 8.56 -29.04 14.42
N SER B 371 9.21 -29.43 15.54
CA SER B 371 8.56 -30.20 16.63
C SER B 371 9.31 -30.22 17.97
N PRO B 372 8.60 -30.28 19.13
CA PRO B 372 9.30 -30.48 20.41
C PRO B 372 9.48 -31.99 20.71
N ILE B 373 10.27 -32.34 21.72
CA ILE B 373 10.46 -33.72 22.16
C ILE B 373 10.23 -33.79 23.67
N ASP B 374 9.32 -34.67 24.09
CA ASP B 374 8.99 -34.91 25.48
C ASP B 374 10.04 -35.82 26.08
N GLU B 375 10.40 -35.54 27.34
CA GLU B 375 11.36 -36.29 28.14
C GLU B 375 10.71 -37.38 29.02
N ARG B 376 9.39 -37.30 29.23
CA ARG B 376 8.54 -38.18 30.06
C ARG B 376 8.60 -39.69 29.73
N ASN B 377 9.00 -40.07 28.50
CA ASN B 377 9.12 -41.47 28.13
C ASN B 377 10.55 -41.93 28.32
N ASP B 378 10.89 -42.32 29.58
CA ASP B 378 12.19 -42.86 29.99
C ASP B 378 13.43 -42.06 29.49
N GLY B 379 13.21 -40.81 29.07
CA GLY B 379 14.23 -39.93 28.50
C GLY B 379 14.43 -40.12 27.00
N THR B 380 14.21 -41.37 26.52
CA THR B 380 14.33 -41.97 25.17
C THR B 380 14.10 -41.00 24.01
N ILE B 381 14.95 -41.11 22.95
CA ILE B 381 14.92 -40.34 21.70
C ILE B 381 15.20 -41.30 20.53
N THR B 382 14.25 -41.41 19.56
CA THR B 382 14.45 -42.28 18.38
C THR B 382 14.65 -41.44 17.11
N TRP B 383 14.80 -42.12 15.94
CA TRP B 383 14.94 -41.47 14.64
C TRP B 383 13.64 -40.73 14.33
N GLU B 384 12.49 -41.40 14.59
CA GLU B 384 11.13 -40.88 14.42
C GLU B 384 10.94 -39.56 15.18
N ASN B 385 11.50 -39.47 16.40
CA ASN B 385 11.40 -38.29 17.26
C ASN B 385 12.12 -37.13 16.61
N LEU B 386 13.31 -37.39 16.03
CA LEU B 386 14.13 -36.37 15.37
C LEU B 386 13.54 -35.95 14.03
N ALA B 387 13.07 -36.94 13.24
CA ALA B 387 12.43 -36.75 11.94
C ALA B 387 11.25 -35.77 11.98
N ALA B 388 10.65 -35.58 13.17
CA ALA B 388 9.58 -34.62 13.36
C ALA B 388 10.14 -33.21 13.61
N VAL B 389 11.28 -33.12 14.30
CA VAL B 389 11.94 -31.85 14.62
C VAL B 389 12.56 -31.26 13.34
N LEU B 390 13.23 -32.14 12.56
CA LEU B 390 13.94 -31.81 11.30
C LEU B 390 13.40 -32.71 10.18
N PRO B 391 12.25 -32.34 9.58
CA PRO B 391 11.66 -33.19 8.52
C PRO B 391 12.21 -32.96 7.10
N PHE B 392 12.53 -31.68 6.83
CA PHE B 392 12.95 -31.06 5.60
C PHE B 392 13.94 -31.86 4.78
N GLY B 393 15.12 -32.14 5.29
CA GLY B 393 16.12 -32.90 4.54
C GLY B 393 17.26 -32.04 4.00
N GLY B 394 17.49 -30.91 4.66
CA GLY B 394 18.55 -29.98 4.34
C GLY B 394 19.88 -30.39 4.92
N THR B 395 20.82 -29.45 4.98
CA THR B 395 22.16 -29.66 5.50
C THR B 395 22.60 -28.49 6.32
N PHE B 396 23.67 -28.68 7.11
CA PHE B 396 24.24 -27.62 7.90
C PHE B 396 25.52 -27.15 7.22
N ASP B 397 25.34 -26.07 6.46
CA ASP B 397 26.33 -25.45 5.61
C ASP B 397 27.18 -24.41 6.31
N LEU B 398 28.45 -24.32 5.85
CA LEU B 398 29.46 -23.40 6.35
C LEU B 398 29.58 -22.21 5.42
N VAL B 399 29.34 -21.02 5.98
CA VAL B 399 29.38 -19.73 5.30
C VAL B 399 30.53 -18.85 5.90
N GLN B 400 30.89 -17.76 5.20
CA GLN B 400 31.89 -16.78 5.63
C GLN B 400 31.24 -15.39 5.50
N LEU B 401 31.12 -14.68 6.64
CA LEU B 401 30.41 -13.39 6.64
C LEU B 401 31.11 -12.23 7.29
N LYS B 402 30.85 -11.05 6.72
CA LYS B 402 31.28 -9.75 7.21
C LYS B 402 30.48 -9.46 8.49
N GLY B 403 31.00 -8.58 9.34
CA GLY B 403 30.32 -8.14 10.57
C GLY B 403 29.02 -7.43 10.24
N SER B 404 29.00 -6.71 9.11
CA SER B 404 27.85 -5.98 8.57
C SER B 404 26.73 -6.92 8.12
N THR B 405 27.07 -8.00 7.38
CA THR B 405 26.14 -9.01 6.89
C THR B 405 25.50 -9.75 8.08
N LEU B 406 26.30 -10.11 9.11
CA LEU B 406 25.83 -10.75 10.33
C LEU B 406 24.96 -9.80 11.11
N LYS B 407 25.31 -8.48 11.16
CA LYS B 407 24.48 -7.47 11.82
C LYS B 407 23.13 -7.41 11.10
N LYS B 408 23.20 -7.28 9.75
CA LYS B 408 22.02 -7.20 8.86
C LYS B 408 21.03 -8.36 9.11
N ALA B 409 21.52 -9.62 9.14
CA ALA B 409 20.71 -10.82 9.39
C ALA B 409 20.03 -10.77 10.76
N PHE B 410 20.75 -10.30 11.80
CA PHE B 410 20.22 -10.14 13.17
C PHE B 410 19.21 -9.01 13.29
N GLU B 411 19.30 -8.00 12.42
CA GLU B 411 18.34 -6.90 12.39
C GLU B 411 17.06 -7.38 11.70
N HIS B 412 17.23 -8.33 10.75
CA HIS B 412 16.17 -8.97 10.00
C HIS B 412 15.43 -9.89 10.97
N SER B 413 16.20 -10.71 11.74
CA SER B 413 15.72 -11.67 12.73
C SER B 413 14.54 -11.16 13.56
N VAL B 414 14.54 -9.84 13.94
CA VAL B 414 13.47 -9.18 14.70
C VAL B 414 12.86 -7.95 13.98
N HIS B 415 12.79 -7.96 12.64
CA HIS B 415 12.24 -6.79 11.94
C HIS B 415 10.71 -6.70 12.09
N ARG B 416 9.97 -7.83 11.93
CA ARG B 416 8.51 -7.93 12.06
C ARG B 416 8.14 -8.85 13.26
N TYR B 417 8.87 -8.69 14.39
CA TYR B 417 8.70 -9.48 15.60
C TYR B 417 7.30 -9.40 16.18
N GLY B 418 6.81 -10.56 16.66
CA GLY B 418 5.49 -10.73 17.26
C GLY B 418 4.44 -11.14 16.26
N GLN B 419 4.83 -12.01 15.31
CA GLN B 419 3.96 -12.46 14.23
C GLN B 419 4.07 -13.97 13.98
N SER B 420 4.81 -14.70 14.85
CA SER B 420 5.10 -16.15 14.73
C SER B 420 5.88 -16.46 13.43
N THR B 421 6.60 -15.43 12.95
CA THR B 421 7.46 -15.46 11.78
C THR B 421 8.72 -16.26 12.12
N GLY B 422 8.97 -17.29 11.31
CA GLY B 422 10.09 -18.23 11.46
C GLY B 422 11.47 -17.72 11.09
N GLU B 423 11.61 -16.42 10.72
CA GLU B 423 12.92 -15.85 10.40
C GLU B 423 13.81 -15.72 11.66
N PHE B 424 13.16 -15.49 12.86
CA PHE B 424 13.80 -15.35 14.17
C PHE B 424 14.77 -16.49 14.39
N LEU B 425 16.03 -16.12 14.60
CA LEU B 425 17.21 -16.96 14.75
C LEU B 425 17.54 -17.47 16.15
N GLN B 426 17.83 -18.76 16.23
CA GLN B 426 18.36 -19.41 17.43
C GLN B 426 19.84 -19.41 17.09
N VAL B 427 20.72 -19.33 18.10
CA VAL B 427 22.17 -19.15 17.92
C VAL B 427 23.09 -20.09 18.71
N GLY B 428 24.25 -20.36 18.14
CA GLY B 428 25.28 -21.19 18.76
C GLY B 428 26.59 -20.44 18.83
N GLY B 429 27.04 -20.12 20.05
CA GLY B 429 28.26 -19.36 20.26
C GLY B 429 28.13 -17.91 19.85
N ILE B 430 26.95 -17.30 20.13
CA ILE B 430 26.63 -15.88 19.86
C ILE B 430 25.78 -15.36 21.04
N HIS B 431 26.01 -14.13 21.47
CA HIS B 431 25.26 -13.49 22.56
C HIS B 431 24.63 -12.20 22.04
N VAL B 432 23.32 -12.25 21.68
CA VAL B 432 22.55 -11.13 21.14
C VAL B 432 21.61 -10.49 22.17
N VAL B 433 21.46 -9.16 22.08
CA VAL B 433 20.56 -8.39 22.94
C VAL B 433 19.73 -7.46 22.05
N TYR B 434 18.39 -7.63 22.10
CA TYR B 434 17.42 -6.86 21.31
C TYR B 434 16.65 -5.85 22.16
N ASP B 435 16.33 -4.70 21.55
CA ASP B 435 15.46 -3.67 22.15
C ASP B 435 14.40 -3.29 21.13
N LEU B 436 13.29 -4.03 21.16
CA LEU B 436 12.17 -3.92 20.23
C LEU B 436 11.43 -2.56 20.29
N SER B 437 11.75 -1.71 21.29
CA SER B 437 11.19 -0.36 21.40
C SER B 437 11.66 0.44 20.19
N ARG B 438 12.94 0.24 19.81
CA ARG B 438 13.65 0.86 18.69
C ARG B 438 13.01 0.49 17.35
N LYS B 439 13.08 1.41 16.37
CA LYS B 439 12.56 1.26 15.01
C LYS B 439 13.19 0.03 14.33
N PRO B 440 12.48 -0.67 13.40
CA PRO B 440 13.08 -1.88 12.78
C PRO B 440 14.34 -1.61 11.97
N GLY B 441 15.38 -2.40 12.23
CA GLY B 441 16.68 -2.27 11.56
C GLY B 441 17.77 -1.65 12.42
N ASP B 442 17.39 -1.23 13.63
CA ASP B 442 18.29 -0.65 14.63
C ASP B 442 17.84 -1.17 16.01
N ARG B 443 17.43 -2.44 16.05
CA ARG B 443 16.91 -3.13 17.24
C ARG B 443 17.98 -3.98 17.98
N VAL B 444 19.13 -4.23 17.33
CA VAL B 444 20.21 -4.97 17.95
C VAL B 444 21.06 -3.91 18.70
N VAL B 445 21.09 -4.01 20.05
CA VAL B 445 21.80 -3.07 20.93
C VAL B 445 23.12 -3.65 21.43
N LYS B 446 23.29 -4.98 21.27
CA LYS B 446 24.48 -5.74 21.66
C LYS B 446 24.52 -7.01 20.82
N LEU B 447 25.71 -7.40 20.40
CA LEU B 447 26.00 -8.61 19.64
C LEU B 447 27.48 -8.93 19.91
N ASP B 448 27.70 -9.98 20.70
CA ASP B 448 29.02 -10.48 21.08
C ASP B 448 29.16 -11.87 20.53
N VAL B 449 30.30 -12.13 19.90
CA VAL B 449 30.56 -13.40 19.23
C VAL B 449 31.83 -14.06 19.74
N LEU B 450 31.78 -15.39 19.86
CA LEU B 450 32.86 -16.25 20.29
C LEU B 450 33.99 -16.19 19.28
N CYS B 451 35.22 -15.97 19.75
CA CYS B 451 36.39 -15.84 18.88
C CYS B 451 37.05 -17.17 18.55
N THR B 452 37.72 -17.20 17.38
CA THR B 452 38.50 -18.33 16.91
C THR B 452 39.96 -17.92 16.94
N LYS B 453 40.28 -16.69 16.43
CA LYS B 453 41.62 -16.09 16.42
C LYS B 453 41.92 -15.59 17.82
N CYS B 454 42.06 -16.57 18.75
CA CYS B 454 42.33 -16.50 20.19
C CYS B 454 42.60 -17.93 20.66
N ARG B 455 43.60 -18.08 21.55
CA ARG B 455 43.97 -19.35 22.18
C ARG B 455 42.91 -19.77 23.22
N VAL B 456 42.35 -18.78 23.94
CA VAL B 456 41.25 -18.99 24.89
C VAL B 456 40.01 -18.35 24.27
N PRO B 457 38.94 -19.15 23.96
CA PRO B 457 37.73 -18.55 23.39
C PRO B 457 36.93 -17.78 24.43
N SER B 458 36.61 -16.54 24.10
CA SER B 458 35.85 -15.59 24.90
C SER B 458 34.96 -14.82 23.93
N TYR B 459 33.89 -14.21 24.45
CA TYR B 459 32.97 -13.43 23.64
C TYR B 459 33.45 -11.98 23.56
N ASP B 460 33.63 -11.53 22.31
CA ASP B 460 34.10 -10.21 21.96
C ASP B 460 33.03 -9.49 21.14
N PRO B 461 32.89 -8.14 21.27
CA PRO B 461 31.90 -7.44 20.46
C PRO B 461 32.11 -7.64 18.98
N LEU B 462 31.01 -7.86 18.25
CA LEU B 462 31.07 -8.08 16.81
C LEU B 462 31.60 -6.82 16.15
N LYS B 463 32.55 -7.01 15.22
CA LYS B 463 33.24 -5.98 14.43
C LYS B 463 32.66 -5.99 13.02
N MET B 464 32.06 -4.86 12.62
CA MET B 464 31.43 -4.67 11.30
C MET B 464 32.35 -4.99 10.10
N ASP B 465 33.69 -4.81 10.26
CA ASP B 465 34.70 -5.03 9.21
C ASP B 465 35.45 -6.39 9.27
N GLU B 466 35.22 -7.23 10.31
CA GLU B 466 35.87 -8.53 10.45
C GLU B 466 35.14 -9.62 9.64
N VAL B 467 35.73 -10.84 9.52
CA VAL B 467 35.13 -11.95 8.78
C VAL B 467 34.99 -13.14 9.69
N TYR B 468 33.76 -13.67 9.76
CA TYR B 468 33.35 -14.74 10.65
C TYR B 468 32.92 -16.00 9.90
N LYS B 469 33.08 -17.19 10.54
CA LYS B 469 32.76 -18.47 9.91
C LYS B 469 31.61 -19.23 10.64
N VAL B 470 30.36 -18.92 10.22
CA VAL B 470 29.06 -19.40 10.76
C VAL B 470 28.61 -20.74 10.14
N ILE B 471 28.00 -21.61 10.98
CA ILE B 471 27.37 -22.86 10.53
C ILE B 471 25.87 -22.53 10.52
N LEU B 472 25.23 -22.70 9.38
CA LEU B 472 23.81 -22.40 9.26
C LEU B 472 23.10 -23.39 8.33
N PRO B 473 21.74 -23.52 8.36
CA PRO B 473 21.09 -24.46 7.41
C PRO B 473 21.18 -23.94 5.96
N ASN B 474 21.26 -24.86 5.00
CA ASN B 474 21.33 -24.53 3.59
C ASN B 474 20.21 -23.59 3.16
N PHE B 475 19.01 -23.75 3.73
CA PHE B 475 17.82 -22.90 3.50
C PHE B 475 18.17 -21.41 3.66
N LEU B 476 18.90 -21.07 4.74
CA LEU B 476 19.37 -19.72 5.07
C LEU B 476 20.53 -19.28 4.18
N ALA B 477 21.54 -20.17 3.98
CA ALA B 477 22.70 -19.90 3.09
C ALA B 477 22.19 -19.41 1.75
N ASN B 478 21.11 -20.05 1.25
CA ASN B 478 20.41 -19.78 0.01
C ASN B 478 19.44 -18.57 0.09
N GLY B 479 19.59 -17.72 1.09
CA GLY B 479 18.73 -16.54 1.25
C GLY B 479 17.28 -16.79 1.66
N GLY B 480 17.01 -18.00 2.14
CA GLY B 480 15.69 -18.38 2.64
C GLY B 480 15.38 -17.56 3.86
N ASP B 481 14.09 -17.33 4.12
CA ASP B 481 13.53 -16.52 5.20
C ASP B 481 13.89 -15.02 5.09
N GLY B 482 14.05 -14.54 3.85
CA GLY B 482 14.30 -13.13 3.55
C GLY B 482 15.72 -12.64 3.72
N PHE B 483 16.60 -13.56 4.15
CA PHE B 483 18.00 -13.30 4.40
C PHE B 483 18.77 -13.28 3.10
N GLN B 484 18.35 -12.33 2.20
CA GLN B 484 18.86 -11.99 0.89
C GLN B 484 20.29 -11.59 1.06
N MET B 485 20.61 -10.87 2.17
CA MET B 485 21.95 -10.38 2.49
C MET B 485 22.95 -11.53 2.68
N ILE B 486 22.48 -12.70 3.17
CA ILE B 486 23.37 -13.85 3.34
C ILE B 486 23.80 -14.36 1.96
N LYS B 487 22.83 -14.71 1.10
CA LYS B 487 23.03 -15.19 -0.26
C LYS B 487 23.77 -14.14 -1.11
N ASP B 488 23.52 -12.83 -0.87
CA ASP B 488 24.11 -11.72 -1.63
C ASP B 488 25.54 -11.40 -1.21
N GLU B 489 25.72 -11.07 0.09
CA GLU B 489 26.98 -10.62 0.70
C GLU B 489 27.88 -11.73 1.31
N LEU B 490 27.57 -13.05 1.13
CA LEU B 490 28.45 -14.10 1.67
C LEU B 490 29.77 -14.08 0.92
N LEU B 491 30.89 -14.32 1.61
CA LEU B 491 32.22 -14.30 1.02
C LEU B 491 32.77 -15.70 0.71
N ARG B 492 32.02 -16.77 1.04
CA ARG B 492 32.34 -18.19 0.82
C ARG B 492 31.18 -19.03 1.33
N HIS B 493 30.96 -20.20 0.70
CA HIS B 493 29.93 -21.15 1.09
C HIS B 493 30.30 -22.57 0.71
N ASP B 494 30.58 -23.38 1.73
CA ASP B 494 30.93 -24.79 1.58
C ASP B 494 29.81 -25.58 2.24
N SER B 495 29.22 -26.54 1.51
CA SER B 495 28.07 -27.32 1.96
C SER B 495 28.40 -28.50 2.84
N GLY B 496 27.78 -28.51 4.02
CA GLY B 496 27.98 -29.50 5.08
C GLY B 496 27.25 -30.81 4.92
N ASP B 497 26.86 -31.41 6.07
CA ASP B 497 26.17 -32.71 6.15
C ASP B 497 24.67 -32.62 6.46
N GLN B 498 23.92 -33.70 6.12
CA GLN B 498 22.47 -33.87 6.35
C GLN B 498 22.00 -33.52 7.78
N ASP B 499 21.18 -32.45 7.92
CA ASP B 499 20.62 -31.90 9.18
C ASP B 499 20.30 -32.95 10.27
N ILE B 500 19.55 -34.01 9.91
CA ILE B 500 19.17 -35.09 10.82
C ILE B 500 20.40 -35.85 11.33
N ASN B 501 21.28 -36.30 10.40
CA ASN B 501 22.50 -37.04 10.71
C ASN B 501 23.45 -36.26 11.62
N VAL B 502 23.53 -34.93 11.43
CA VAL B 502 24.38 -34.05 12.24
C VAL B 502 23.92 -34.07 13.72
N VAL B 503 22.60 -33.88 13.97
CA VAL B 503 22.05 -33.90 15.32
C VAL B 503 22.00 -35.34 15.87
N SER B 504 21.75 -36.33 15.01
CA SER B 504 21.71 -37.75 15.36
C SER B 504 23.09 -38.29 15.76
N THR B 505 24.17 -37.67 15.24
CA THR B 505 25.56 -38.09 15.55
C THR B 505 25.90 -37.68 17.01
N TYR B 506 25.56 -36.43 17.32
CA TYR B 506 25.76 -35.72 18.56
C TYR B 506 24.99 -36.33 19.74
N ILE B 507 23.72 -36.71 19.52
CA ILE B 507 22.88 -37.33 20.55
C ILE B 507 23.46 -38.71 20.84
N SER B 508 23.88 -39.44 19.79
CA SER B 508 24.52 -40.75 19.91
C SER B 508 25.83 -40.60 20.70
N LYS B 509 26.47 -39.42 20.61
CA LYS B 509 27.74 -39.09 21.27
C LYS B 509 27.51 -38.74 22.75
N MET B 510 26.74 -37.68 23.01
CA MET B 510 26.44 -37.17 24.35
C MET B 510 25.82 -38.22 25.28
N LYS B 511 25.05 -39.15 24.69
CA LYS B 511 24.29 -40.25 25.32
C LYS B 511 23.09 -39.74 26.14
N VAL B 512 23.33 -38.74 27.01
CA VAL B 512 22.33 -38.11 27.86
C VAL B 512 22.49 -36.58 27.70
N ILE B 513 21.47 -35.92 27.16
CA ILE B 513 21.47 -34.47 26.88
C ILE B 513 20.60 -33.67 27.84
N TYR B 514 20.92 -32.37 28.02
CA TYR B 514 20.20 -31.45 28.92
C TYR B 514 20.33 -29.97 28.52
N PRO B 515 20.01 -29.59 27.24
CA PRO B 515 20.15 -28.16 26.84
C PRO B 515 19.34 -27.19 27.68
N ALA B 516 19.82 -25.97 27.79
CA ALA B 516 19.17 -24.97 28.64
C ALA B 516 19.01 -23.61 28.00
N VAL B 517 18.13 -22.77 28.57
CA VAL B 517 17.96 -21.39 28.14
C VAL B 517 18.88 -20.55 29.07
N GLU B 518 20.10 -20.29 28.55
CA GLU B 518 21.23 -19.66 29.25
C GLU B 518 21.56 -18.19 28.88
N GLY B 519 20.69 -17.50 28.16
CA GLY B 519 20.89 -16.10 27.81
C GLY B 519 21.64 -15.78 26.53
N ARG B 520 21.67 -16.73 25.53
CA ARG B 520 22.29 -16.46 24.22
C ARG B 520 21.50 -15.31 23.54
N ILE B 521 20.15 -15.39 23.56
CA ILE B 521 19.26 -14.33 23.07
C ILE B 521 18.67 -13.61 24.31
N LYS B 522 18.68 -12.27 24.32
CA LYS B 522 18.13 -11.47 25.42
C LYS B 522 17.28 -10.30 24.92
N PHE B 523 16.52 -9.68 25.83
CA PHE B 523 15.66 -8.55 25.53
C PHE B 523 15.71 -7.43 26.62
N SER B 524 15.59 -6.16 26.18
CA SER B 524 15.62 -4.98 27.06
C SER B 524 14.25 -4.27 27.03
ZN ZN C . -5.84 24.01 -10.13
ZN ZN D . -5.45 26.37 -12.88
C1 OO2 E . 5.61 24.86 -11.59
C2 OO2 E . 3.51 25.53 -11.66
N1 OO2 E . 5.58 24.21 -12.74
N2 OO2 E . 4.66 25.57 -10.98
C3 OO2 E . 4.39 24.19 -13.41
O1 OO2 E . 1.42 30.57 -10.20
C4 OO2 E . 1.39 29.21 -10.61
C5 OO2 E . 2.63 28.37 -10.27
O2 OO2 E . 3.30 28.73 -9.07
C6 OO2 E . 0.30 28.47 -9.86
C7 OO2 E . -1.07 28.71 -10.44
O3 OO2 E . -2.02 28.09 -9.62
C8 OO2 E . -3.23 27.84 -10.31
P1 OO2 E . -3.27 26.20 -11.03
O4 OO2 E . -3.36 26.17 -12.52
O5 OO2 E . -4.47 25.51 -10.36
O6 OO2 E . -1.96 25.56 -10.53
O7 OO2 E . 0.65 27.08 -9.97
C9 OO2 E . 2.04 26.96 -10.16
N3 OO2 E . 2.32 26.12 -11.33
C10 OO2 E . 1.45 25.79 -12.34
N4 OO2 E . 1.99 25.05 -13.28
C11 OO2 E . 3.29 24.87 -12.86
CL1 OO2 E . 7.08 24.68 -10.67
N5 OO2 E . 4.29 23.51 -14.58
C12 OO2 E . 5.38 23.08 -15.46
C13 OO2 E . 5.63 21.58 -15.37
C14 OO2 E . 4.58 20.96 -16.26
C15 OO2 E . 4.42 21.94 -17.38
C16 OO2 E . 5.03 23.27 -16.93
ZN ZN F . 2.13 -24.91 8.12
ZN ZN G . 2.32 -23.11 5.27
C1 OO2 H . 13.43 -24.53 6.27
C2 OO2 H . 11.38 -23.73 6.26
N1 OO2 H . 13.27 -25.29 5.19
N2 OO2 H . 12.58 -23.70 6.86
C3 OO2 H . 12.06 -25.27 4.60
O1 OO2 H . 9.29 -18.73 8.23
C4 OO2 H . 9.17 -20.01 7.64
C5 OO2 H . 10.49 -20.79 7.62
O2 OO2 H . 11.31 -20.43 8.72
C6 OO2 H . 8.29 -20.89 8.53
C7 OO2 H . 6.81 -20.70 8.31
O3 OO2 H . 6.11 -21.72 9.04
C8 OO2 H . 4.83 -21.99 8.51
P1 OO2 H . 4.80 -23.15 7.13
O4 OO2 H . 3.98 -22.65 5.98
O5 OO2 H . 4.21 -24.42 7.80
O6 OO2 H . 6.23 -23.48 6.69
O7 OO2 H . 8.69 -22.24 8.20
C9 OO2 H . 10.06 -22.23 7.83
N3 OO2 H . 10.23 -23.11 6.69
C10 OO2 H . 9.25 -23.52 5.81
N4 OO2 H . 9.69 -24.34 4.87
C11 OO2 H . 11.03 -24.47 5.17
CL1 OO2 H . 14.92 -24.79 7.14
N5 OO2 H . 11.85 -26.01 3.49
C12 OO2 H . 12.85 -26.46 2.53
C13 OO2 H . 13.11 -27.96 2.63
C14 OO2 H . 12.00 -28.60 1.81
C15 OO2 H . 11.51 -27.53 0.87
C16 OO2 H . 12.39 -26.32 1.11
#